data_5F99
#
_entry.id   5F99
#
_cell.length_a   107.873
_cell.length_b   178.915
_cell.length_c   109.061
_cell.angle_alpha   90.00
_cell.angle_beta   90.00
_cell.angle_gamma   90.00
#
_symmetry.space_group_name_H-M   'P 21 21 21'
#
loop_
_entity.id
_entity.type
_entity.pdbx_description
1 polymer 'Histone H3.2'
2 polymer 'Histone H4'
3 polymer 'Histone H2A type 1'
4 polymer 'Histone H2B 1.1'
5 polymer 'DNA (147-MER)'
6 polymer 'DNA (147-MER)'
7 non-polymer 'CHLORIDE ION'
8 non-polymer 'MAGNESIUM ION'
9 water water
#
loop_
_entity_poly.entity_id
_entity_poly.type
_entity_poly.pdbx_seq_one_letter_code
_entity_poly.pdbx_strand_id
1 'polypeptide(L)'
;ARTKQTARKSTGGKAPRKQLATKAARKSAPATGGVKKPHRYRPGTVALREIRRYQKSTELLIRKLPFQRLVREIAQDFKT
DLRFQSSAVMALQEASEAYLVALFEDTNLAAIHAKRVTIMPKDIQLARRIRGERA
;
A,E
2 'polypeptide(L)'
;MSGRGKGGKGLGKGGAKRRRKVLRDNIQGITKPAIRRLARRGGVKRISGLIYEETRGVLKVFLENVIRDAVTYTEHAKRK
TVTAMDVVYALKRQGRTLYGFGG
;
B,F
3 'polypeptide(L)'
;SGRGKQGGKTRAKAKTRSSRAGLQFPVGRVHRLLRKGNYAERVGAGAPVYLAAVLEYLTAEILELAGNAARDNKKTRIIP
RHLQLAVRNDEELNKLLGRVTIAQGGVLPNIQSVLLPKKTESSKSAKSK
;
C,G
4 'polypeptide(L)'
;AKSAPAPKKGSKKAVTKTQKKDGKKRRKTRKESYAIYVYKVLKQVHPDTGISSKAMSIMNSFVNDVFERIAGEASRLAHY
NKRSTITSREIQTAVRLLLPGELAKHAVSEGTKAVTKYTSAK
;
D,H
5 'polydeoxyribonucleotide'
;(DA)(DT)(DC)(DT)(DG)(DC)(DA)(DA)(DC)(DA)(DG)(DT)(DC)(DC)(DT)(DA)(DA)(DC)(DA)(DT)
(DT)(DC)(DA)(DC)(DC)(DT)(DC)(DT)(DT)(DG)(DT)(DG)(DT)(DG)(DT)(DT)(DT)(DG)(DT)(DG)
(DT)(DC)(DT)(DG)(DT)(DT)(DC)(DG)(DC)(DC)(DA)(DT)(DC)(DC)(DC)(DG)(DT)(DC)(DT)(DC)
(DC)(DG)(DC)(DT)(DC)(DG)(DT)(DC)(DA)(DC)(DT)(DT)(DA)(DT)(DC)(DC)(DT)(DT)(DC)(DA)
(DC)(DT)(DT)(DT)(DC)(DC)(DA)(DG)(DA)(DG)(DG)(DG)(DT)(DC)(DC)(DC)(DC)(DC)(DC)(DG)
(DC)(DA)(DG)(DA)(DC)(DC)(DC)(DC)(DG)(DG)(DC)(DG)(DA)(DC)(DC)(DC)(DT)(DC)(DA)(DG)
(DG)(DT)(DC)(DG)(DG)(DC)(DC)(DG)(DA)(DC)(DT)(DG)(DC)(DG)(DG)(DC)(DA)(DC)(DA)(DG)
(DT)(DT)(DT)(DT)(DG)(DA)(DT)
;
I
6 'polydeoxyribonucleotide'
;(DA)(DT)(DC)(DA)(DA)(DA)(DA)(DC)(DT)(DG)(DT)(DG)(DC)(DC)(DG)(DC)(DA)(DG)(DT)(DC)
(DG)(DG)(DC)(DC)(DG)(DA)(DC)(DC)(DT)(DG)(DA)(DG)(DG)(DG)(DT)(DC)(DG)(DC)(DC)(DG)
(DG)(DG)(DG)(DT)(DC)(DT)(DG)(DC)(DG)(DG)(DG)(DG)(DG)(DG)(DA)(DC)(DC)(DC)(DT)(DC)
(DT)(DG)(DG)(DA)(DA)(DA)(DG)(DT)(DG)(DA)(DA)(DG)(DG)(DA)(DT)(DA)(DA)(DG)(DT)(DG)
(DA)(DC)(DG)(DA)(DG)(DC)(DG)(DG)(DA)(DG)(DA)(DC)(DG)(DG)(DG)(DA)(DT)(DG)(DG)(DC)
(DG)(DA)(DA)(DC)(DA)(DG)(DA)(DC)(DA)(DC)(DA)(DA)(DA)(DC)(DA)(DC)(DA)(DC)(DA)(DA)
(DG)(DA)(DG)(DG)(DT)(DG)(DA)(DA)(DT)(DG)(DT)(DT)(DA)(DG)(DG)(DA)(DC)(DT)(DG)(DT)
(DT)(DG)(DC)(DA)(DG)(DA)(DT)
;
J
#
# COMPACT_ATOMS: atom_id res chain seq x y z
N LYS A 36 -47.99 -12.77 -32.17
CA LYS A 36 -46.59 -12.41 -31.83
C LYS A 36 -46.05 -13.28 -30.71
N LYS A 37 -44.84 -12.94 -30.28
CA LYS A 37 -44.16 -13.64 -29.18
C LYS A 37 -43.52 -12.50 -28.38
N PRO A 38 -43.11 -12.77 -27.13
CA PRO A 38 -42.48 -11.70 -26.33
C PRO A 38 -41.24 -11.07 -26.99
N HIS A 39 -40.99 -11.45 -28.25
CA HIS A 39 -39.85 -10.99 -29.05
C HIS A 39 -38.55 -11.14 -28.27
N ARG A 40 -38.58 -11.97 -27.24
CA ARG A 40 -37.41 -12.21 -26.41
C ARG A 40 -36.15 -12.31 -27.25
N TYR A 41 -35.17 -11.49 -26.93
CA TYR A 41 -33.91 -11.49 -27.65
C TYR A 41 -33.10 -12.74 -27.31
N ARG A 42 -31.86 -12.81 -27.82
CA ARG A 42 -30.95 -13.91 -27.56
C ARG A 42 -30.34 -13.75 -26.15
N PRO A 43 -30.40 -14.81 -25.33
CA PRO A 43 -29.84 -14.71 -23.98
C PRO A 43 -28.46 -14.10 -24.03
N GLY A 44 -28.33 -12.91 -23.45
CA GLY A 44 -27.04 -12.26 -23.39
C GLY A 44 -26.92 -10.93 -24.11
N THR A 45 -27.81 -10.71 -25.07
CA THR A 45 -27.75 -9.48 -25.83
C THR A 45 -28.27 -8.31 -25.02
N VAL A 46 -29.22 -8.59 -24.15
CA VAL A 46 -29.75 -7.53 -23.31
C VAL A 46 -28.62 -7.17 -22.36
N ALA A 47 -28.13 -8.20 -21.66
CA ALA A 47 -27.05 -8.04 -20.71
C ALA A 47 -25.99 -7.21 -21.40
N LEU A 48 -25.44 -7.77 -22.48
CA LEU A 48 -24.41 -7.12 -23.25
C LEU A 48 -24.72 -5.63 -23.41
N ARG A 49 -25.99 -5.31 -23.59
CA ARG A 49 -26.37 -3.91 -23.75
C ARG A 49 -26.38 -3.21 -22.38
N GLU A 50 -26.85 -3.91 -21.35
CA GLU A 50 -26.91 -3.35 -19.97
C GLU A 50 -25.52 -2.87 -19.57
N ILE A 51 -24.52 -3.67 -19.94
CA ILE A 51 -23.12 -3.37 -19.68
C ILE A 51 -22.80 -2.02 -20.31
N ARG A 52 -23.10 -1.92 -21.61
CA ARG A 52 -22.86 -0.70 -22.35
C ARG A 52 -23.53 0.49 -21.71
N ARG A 53 -24.76 0.33 -21.21
CA ARG A 53 -25.37 1.49 -20.60
C ARG A 53 -24.77 1.85 -19.25
N TYR A 54 -24.56 0.84 -18.42
CA TYR A 54 -24.04 1.08 -17.07
C TYR A 54 -22.59 1.51 -17.05
N GLN A 55 -21.84 1.11 -18.08
CA GLN A 55 -20.45 1.49 -18.21
C GLN A 55 -20.30 2.94 -18.66
N LYS A 56 -21.35 3.46 -19.30
CA LYS A 56 -21.35 4.84 -19.77
C LYS A 56 -21.97 5.75 -18.73
N SER A 57 -22.71 5.17 -17.79
CA SER A 57 -23.37 5.91 -16.72
C SER A 57 -22.39 6.42 -15.65
N THR A 58 -22.89 6.80 -14.49
CA THR A 58 -22.01 7.32 -13.45
C THR A 58 -22.74 7.44 -12.11
N GLU A 59 -24.05 7.18 -12.14
CA GLU A 59 -24.88 7.26 -10.96
C GLU A 59 -24.83 5.92 -10.19
N LEU A 60 -24.93 6.00 -8.87
CA LEU A 60 -24.92 4.83 -8.00
C LEU A 60 -25.99 3.82 -8.41
N LEU A 61 -25.72 2.53 -8.23
CA LEU A 61 -26.69 1.49 -8.58
C LEU A 61 -27.44 0.87 -7.39
N ILE A 62 -26.94 1.08 -6.18
CA ILE A 62 -27.68 0.59 -5.01
C ILE A 62 -28.75 1.66 -4.77
N ARG A 63 -29.99 1.25 -4.52
CA ARG A 63 -31.03 2.22 -4.28
C ARG A 63 -30.71 2.84 -2.93
N LYS A 64 -30.55 4.17 -2.91
CA LYS A 64 -30.16 4.90 -1.70
C LYS A 64 -30.77 4.58 -0.34
N LEU A 65 -32.08 4.68 -0.22
CA LEU A 65 -32.73 4.47 1.08
C LEU A 65 -32.38 3.12 1.71
N PRO A 66 -32.55 2.05 0.94
CA PRO A 66 -32.20 0.75 1.55
C PRO A 66 -30.74 0.66 2.02
N PHE A 67 -29.85 1.26 1.23
CA PHE A 67 -28.43 1.30 1.51
C PHE A 67 -28.17 2.05 2.79
N GLN A 68 -28.85 3.18 2.94
CA GLN A 68 -28.66 3.99 4.13
C GLN A 68 -29.05 3.19 5.38
N ARG A 69 -30.03 2.32 5.23
CA ARG A 69 -30.46 1.52 6.35
C ARG A 69 -29.31 0.57 6.75
N LEU A 70 -28.75 -0.12 5.77
CA LEU A 70 -27.65 -1.07 5.99
C LEU A 70 -26.52 -0.42 6.79
N VAL A 71 -26.16 0.77 6.37
CA VAL A 71 -25.12 1.51 7.05
C VAL A 71 -25.49 1.71 8.50
N ARG A 72 -26.66 2.31 8.75
CA ARG A 72 -27.08 2.54 10.12
C ARG A 72 -27.06 1.23 10.91
N GLU A 73 -27.47 0.14 10.27
CA GLU A 73 -27.45 -1.17 10.93
C GLU A 73 -26.04 -1.51 11.39
N ILE A 74 -25.08 -1.54 10.45
CA ILE A 74 -23.68 -1.86 10.77
C ILE A 74 -23.17 -0.99 11.95
N ALA A 75 -23.28 0.33 11.79
CA ALA A 75 -22.78 1.25 12.82
C ALA A 75 -23.33 0.97 14.20
N GLN A 76 -24.55 0.45 14.26
CA GLN A 76 -25.20 0.13 15.52
C GLN A 76 -24.28 -0.68 16.40
N ASP A 77 -23.53 -1.60 15.77
CA ASP A 77 -22.62 -2.47 16.51
C ASP A 77 -21.29 -1.88 16.95
N PHE A 78 -21.10 -0.58 16.78
CA PHE A 78 -19.85 0.03 17.19
C PHE A 78 -20.07 1.19 18.17
N LYS A 79 -21.16 1.92 17.98
CA LYS A 79 -21.52 3.07 18.81
C LYS A 79 -23.02 3.30 18.69
N THR A 80 -23.78 2.87 19.69
CA THR A 80 -25.22 3.02 19.65
C THR A 80 -25.66 4.46 19.67
N ASP A 81 -26.75 4.72 18.97
CA ASP A 81 -27.32 6.05 18.90
C ASP A 81 -26.23 7.06 18.51
N LEU A 82 -26.17 7.37 17.21
CA LEU A 82 -25.23 8.35 16.65
C LEU A 82 -25.76 8.74 15.29
N ARG A 83 -25.67 10.03 14.99
CA ARG A 83 -26.18 10.59 13.75
C ARG A 83 -25.11 10.72 12.68
N PHE A 84 -25.53 10.64 11.42
CA PHE A 84 -24.61 10.74 10.32
C PHE A 84 -24.39 12.12 9.70
N GLN A 85 -24.62 12.24 8.41
CA GLN A 85 -24.34 13.49 7.70
C GLN A 85 -24.50 13.08 6.25
N SER A 86 -25.71 13.18 5.72
CA SER A 86 -26.05 12.77 4.35
C SER A 86 -24.90 12.46 3.40
N SER A 87 -23.89 13.34 3.39
CA SER A 87 -22.71 13.17 2.53
C SER A 87 -21.92 11.89 2.90
N ALA A 88 -21.64 11.72 4.18
CA ALA A 88 -20.91 10.55 4.64
C ALA A 88 -21.56 9.29 4.02
N VAL A 89 -22.87 9.20 4.09
CA VAL A 89 -23.53 8.04 3.54
C VAL A 89 -23.23 8.00 2.05
N MET A 90 -23.23 9.17 1.41
CA MET A 90 -22.94 9.23 -0.02
C MET A 90 -21.48 8.80 -0.24
N ALA A 91 -20.59 9.31 0.61
CA ALA A 91 -19.20 8.93 0.52
C ALA A 91 -19.15 7.41 0.66
N LEU A 92 -19.67 6.88 1.76
CA LEU A 92 -19.70 5.43 1.96
C LEU A 92 -20.31 4.69 0.77
N GLN A 93 -21.43 5.16 0.23
CA GLN A 93 -22.02 4.45 -0.89
C GLN A 93 -21.18 4.58 -2.12
N GLU A 94 -20.57 5.74 -2.28
CA GLU A 94 -19.70 6.01 -3.43
C GLU A 94 -18.51 5.03 -3.38
N ALA A 95 -17.91 4.92 -2.20
CA ALA A 95 -16.76 4.07 -2.00
C ALA A 95 -17.05 2.60 -2.22
N SER A 96 -18.13 2.11 -1.63
CA SER A 96 -18.50 0.72 -1.76
C SER A 96 -18.86 0.26 -3.14
N GLU A 97 -19.50 1.13 -3.91
CA GLU A 97 -19.88 0.74 -5.27
C GLU A 97 -18.63 0.64 -6.17
N ALA A 98 -17.72 1.58 -5.99
CA ALA A 98 -16.45 1.59 -6.74
C ALA A 98 -15.68 0.29 -6.43
N TYR A 99 -15.77 -0.14 -5.17
CA TYR A 99 -15.13 -1.36 -4.71
C TYR A 99 -15.72 -2.59 -5.39
N LEU A 100 -17.05 -2.71 -5.37
CA LEU A 100 -17.73 -3.89 -5.94
C LEU A 100 -17.57 -3.98 -7.45
N VAL A 101 -17.65 -2.84 -8.13
CA VAL A 101 -17.50 -2.90 -9.56
C VAL A 101 -16.09 -3.40 -9.86
N ALA A 102 -15.10 -2.84 -9.17
CA ALA A 102 -13.71 -3.25 -9.38
C ALA A 102 -13.55 -4.76 -9.15
N LEU A 103 -14.09 -5.23 -8.04
CA LEU A 103 -14.03 -6.64 -7.71
C LEU A 103 -14.70 -7.48 -8.78
N PHE A 104 -15.81 -6.98 -9.32
CA PHE A 104 -16.49 -7.73 -10.36
C PHE A 104 -15.63 -7.80 -11.59
N GLU A 105 -14.83 -6.77 -11.81
CA GLU A 105 -13.97 -6.81 -12.97
C GLU A 105 -13.05 -8.01 -12.83
N ASP A 106 -12.46 -8.14 -11.63
CA ASP A 106 -11.51 -9.21 -11.33
C ASP A 106 -12.17 -10.57 -11.40
N THR A 107 -13.34 -10.66 -10.82
CA THR A 107 -14.09 -11.90 -10.82
C THR A 107 -14.38 -12.32 -12.26
N ASN A 108 -14.58 -11.33 -13.11
CA ASN A 108 -14.87 -11.59 -14.52
C ASN A 108 -13.66 -12.27 -15.13
N LEU A 109 -12.53 -11.59 -15.03
CA LEU A 109 -11.26 -12.13 -15.54
C LEU A 109 -11.07 -13.54 -15.01
N ALA A 110 -11.42 -13.75 -13.74
CA ALA A 110 -11.25 -15.06 -13.17
C ALA A 110 -12.17 -16.13 -13.81
N ALA A 111 -13.42 -15.79 -14.05
CA ALA A 111 -14.33 -16.75 -14.66
C ALA A 111 -13.74 -17.06 -16.02
N ILE A 112 -13.53 -16.01 -16.80
CA ILE A 112 -12.96 -16.21 -18.12
C ILE A 112 -11.72 -17.08 -18.07
N HIS A 113 -10.89 -16.89 -17.04
CA HIS A 113 -9.67 -17.68 -16.92
C HIS A 113 -10.01 -19.17 -16.87
N ALA A 114 -11.11 -19.49 -16.19
CA ALA A 114 -11.60 -20.87 -16.06
C ALA A 114 -12.32 -21.34 -17.33
N LYS A 115 -12.30 -20.52 -18.36
CA LYS A 115 -12.91 -20.89 -19.61
C LYS A 115 -14.43 -20.76 -19.53
N ARG A 116 -14.95 -20.13 -18.48
CA ARG A 116 -16.39 -19.95 -18.37
C ARG A 116 -16.74 -18.56 -18.86
N VAL A 117 -17.97 -18.12 -18.61
CA VAL A 117 -18.47 -16.79 -19.00
C VAL A 117 -19.46 -16.31 -17.98
N THR A 118 -19.74 -17.20 -17.03
CA THR A 118 -20.66 -16.96 -15.92
C THR A 118 -19.85 -16.78 -14.64
N ILE A 119 -20.02 -15.65 -13.95
CA ILE A 119 -19.27 -15.43 -12.73
C ILE A 119 -19.88 -16.21 -11.57
N MET A 120 -19.11 -17.10 -10.98
CA MET A 120 -19.60 -17.89 -9.85
C MET A 120 -18.96 -17.40 -8.54
N PRO A 121 -19.33 -18.01 -7.39
CA PRO A 121 -18.69 -17.52 -6.18
C PRO A 121 -17.25 -18.01 -6.10
N LYS A 122 -16.97 -19.21 -6.60
CA LYS A 122 -15.61 -19.73 -6.53
C LYS A 122 -14.64 -18.73 -7.14
N ASP A 123 -15.13 -17.77 -7.91
CA ASP A 123 -14.19 -16.80 -8.42
C ASP A 123 -14.33 -15.40 -7.88
N ILE A 124 -15.29 -15.12 -7.02
CA ILE A 124 -15.32 -13.80 -6.41
C ILE A 124 -14.26 -14.04 -5.33
N GLN A 125 -14.13 -15.28 -4.94
CA GLN A 125 -13.18 -15.67 -3.90
C GLN A 125 -11.72 -15.73 -4.38
N LEU A 126 -11.45 -16.41 -5.48
CA LEU A 126 -10.06 -16.44 -5.96
C LEU A 126 -9.57 -15.02 -6.14
N ALA A 127 -10.45 -14.11 -6.56
CA ALA A 127 -10.04 -12.73 -6.73
C ALA A 127 -9.74 -12.14 -5.35
N ARG A 128 -10.66 -12.28 -4.40
CA ARG A 128 -10.39 -11.76 -3.06
C ARG A 128 -9.09 -12.34 -2.49
N ARG A 129 -8.90 -13.64 -2.62
CA ARG A 129 -7.68 -14.31 -2.12
C ARG A 129 -6.40 -13.74 -2.72
N ILE A 130 -6.34 -13.67 -4.04
CA ILE A 130 -5.15 -13.15 -4.69
C ILE A 130 -4.92 -11.69 -4.37
N ARG A 131 -5.98 -10.93 -4.18
CA ARG A 131 -5.82 -9.54 -3.85
C ARG A 131 -5.27 -9.38 -2.43
N GLY A 132 -5.34 -10.44 -1.66
CA GLY A 132 -4.90 -10.32 -0.30
C GLY A 132 -6.00 -9.85 0.63
N GLU A 133 -7.25 -9.85 0.19
CA GLU A 133 -8.34 -9.41 1.06
C GLU A 133 -8.82 -10.59 1.91
N ARG A 134 -8.36 -11.79 1.59
CA ARG A 134 -8.72 -12.99 2.33
C ARG A 134 -7.41 -13.73 2.60
N ALA A 135 -6.31 -12.97 2.51
CA ALA A 135 -4.92 -13.40 2.72
C ALA A 135 -4.26 -13.88 1.41
N LYS B 21 -40.39 -5.04 7.96
CA LYS B 21 -41.03 -6.03 8.89
C LYS B 21 -40.05 -6.54 9.94
N VAL B 22 -39.63 -5.63 10.83
CA VAL B 22 -38.67 -5.91 11.92
C VAL B 22 -37.25 -5.99 11.35
N LEU B 23 -37.05 -5.33 10.21
CA LEU B 23 -35.77 -5.32 9.49
C LEU B 23 -35.62 -6.57 8.65
N ARG B 24 -36.71 -7.00 8.04
CA ARG B 24 -36.71 -8.19 7.20
C ARG B 24 -35.79 -7.91 6.00
N ASP B 25 -35.20 -6.72 5.98
CA ASP B 25 -34.29 -6.29 4.91
C ASP B 25 -32.89 -5.89 5.41
N ASN B 26 -32.55 -4.61 5.29
CA ASN B 26 -31.25 -4.07 5.67
C ASN B 26 -30.10 -4.75 4.94
N ILE B 27 -29.33 -5.55 5.67
CA ILE B 27 -28.22 -6.26 5.07
C ILE B 27 -28.74 -7.08 3.87
N GLN B 28 -30.05 -7.10 3.73
CA GLN B 28 -30.74 -7.82 2.66
C GLN B 28 -31.46 -6.86 1.74
N GLY B 29 -31.30 -5.56 2.01
CA GLY B 29 -31.91 -4.51 1.20
C GLY B 29 -31.24 -4.36 -0.14
N ILE B 30 -29.93 -4.62 -0.17
CA ILE B 30 -29.13 -4.56 -1.39
C ILE B 30 -29.67 -5.71 -2.25
N THR B 31 -30.45 -5.38 -3.29
CA THR B 31 -31.11 -6.40 -4.12
C THR B 31 -30.42 -7.01 -5.32
N LYS B 32 -30.92 -8.21 -5.67
CA LYS B 32 -30.45 -8.99 -6.80
C LYS B 32 -30.30 -8.12 -8.04
N PRO B 33 -31.15 -7.09 -8.19
CA PRO B 33 -31.03 -6.22 -9.36
C PRO B 33 -29.84 -5.27 -9.25
N ALA B 34 -29.72 -4.58 -8.12
CA ALA B 34 -28.60 -3.65 -7.89
C ALA B 34 -27.30 -4.37 -8.17
N ILE B 35 -27.16 -5.56 -7.59
CA ILE B 35 -25.99 -6.38 -7.78
C ILE B 35 -25.77 -6.61 -9.28
N ARG B 36 -26.77 -7.15 -9.96
CA ARG B 36 -26.63 -7.37 -11.41
C ARG B 36 -26.14 -6.12 -12.11
N ARG B 37 -26.58 -4.96 -11.63
CA ARG B 37 -26.16 -3.72 -12.25
C ARG B 37 -24.70 -3.43 -12.00
N LEU B 38 -24.32 -3.38 -10.73
CA LEU B 38 -22.92 -3.15 -10.39
C LEU B 38 -22.09 -4.11 -11.24
N ALA B 39 -22.52 -5.38 -11.31
CA ALA B 39 -21.81 -6.39 -12.09
C ALA B 39 -21.74 -6.09 -13.59
N ARG B 40 -22.71 -5.34 -14.09
CA ARG B 40 -22.71 -4.99 -15.51
C ARG B 40 -21.78 -3.79 -15.73
N ARG B 41 -21.72 -2.87 -14.76
CA ARG B 41 -20.81 -1.74 -14.90
C ARG B 41 -19.45 -2.40 -14.85
N GLY B 42 -19.42 -3.57 -14.21
CA GLY B 42 -18.21 -4.34 -14.07
C GLY B 42 -17.80 -5.07 -15.32
N GLY B 43 -18.76 -5.31 -16.22
CA GLY B 43 -18.48 -6.00 -17.47
C GLY B 43 -18.92 -7.46 -17.44
N VAL B 44 -19.70 -7.82 -16.43
CA VAL B 44 -20.16 -9.19 -16.33
C VAL B 44 -21.34 -9.43 -17.25
N LYS B 45 -21.26 -10.51 -18.02
CA LYS B 45 -22.34 -10.85 -18.94
C LYS B 45 -23.31 -11.78 -18.20
N ARG B 46 -22.95 -13.06 -18.08
CA ARG B 46 -23.77 -14.06 -17.40
C ARG B 46 -23.38 -14.23 -15.88
N ILE B 47 -24.38 -14.07 -15.01
CA ILE B 47 -24.23 -14.16 -13.56
C ILE B 47 -24.91 -15.35 -12.87
N SER B 48 -24.13 -16.22 -12.23
CA SER B 48 -24.68 -17.38 -11.51
C SER B 48 -25.60 -16.97 -10.34
N GLY B 49 -26.39 -17.93 -9.86
CA GLY B 49 -27.37 -17.68 -8.81
C GLY B 49 -26.92 -17.37 -7.40
N LEU B 50 -25.93 -18.09 -6.91
CA LEU B 50 -25.43 -17.83 -5.57
C LEU B 50 -24.54 -16.57 -5.45
N ILE B 51 -24.37 -15.83 -6.54
CA ILE B 51 -23.54 -14.65 -6.48
C ILE B 51 -24.11 -13.56 -5.57
N TYR B 52 -25.38 -13.30 -5.78
CA TYR B 52 -26.10 -12.28 -5.06
C TYR B 52 -25.88 -12.42 -3.57
N GLU B 53 -25.77 -13.66 -3.10
CA GLU B 53 -25.59 -13.83 -1.66
C GLU B 53 -24.13 -13.57 -1.30
N GLU B 54 -23.22 -14.14 -2.08
CA GLU B 54 -21.79 -13.96 -1.86
C GLU B 54 -21.51 -12.47 -1.81
N THR B 55 -22.00 -11.78 -2.82
CA THR B 55 -21.82 -10.33 -2.90
C THR B 55 -22.30 -9.60 -1.65
N ARG B 56 -23.52 -9.92 -1.25
CA ARG B 56 -24.14 -9.31 -0.09
C ARG B 56 -23.18 -9.42 1.11
N GLY B 57 -22.51 -10.55 1.21
CA GLY B 57 -21.58 -10.73 2.33
C GLY B 57 -20.42 -9.78 2.20
N VAL B 58 -19.73 -9.88 1.08
CA VAL B 58 -18.60 -9.05 0.75
C VAL B 58 -18.82 -7.55 1.02
N LEU B 59 -19.97 -7.06 0.59
CA LEU B 59 -20.26 -5.65 0.79
C LEU B 59 -20.34 -5.39 2.25
N LYS B 60 -20.79 -6.39 2.98
CA LYS B 60 -20.97 -6.25 4.42
C LYS B 60 -19.64 -6.08 5.16
N VAL B 61 -18.71 -6.98 4.89
CA VAL B 61 -17.38 -6.96 5.49
C VAL B 61 -16.67 -5.65 5.16
N PHE B 62 -16.86 -5.19 3.92
CA PHE B 62 -16.26 -3.95 3.48
C PHE B 62 -16.77 -2.80 4.35
N LEU B 63 -18.09 -2.73 4.53
CA LEU B 63 -18.68 -1.66 5.33
C LEU B 63 -18.34 -1.81 6.80
N GLU B 64 -18.24 -3.05 7.25
CA GLU B 64 -17.87 -3.29 8.63
C GLU B 64 -16.48 -2.72 8.88
N ASN B 65 -15.57 -2.91 7.92
CA ASN B 65 -14.24 -2.36 8.15
C ASN B 65 -14.14 -0.85 7.99
N VAL B 66 -14.83 -0.32 6.98
CA VAL B 66 -14.78 1.11 6.78
C VAL B 66 -15.43 1.84 7.95
N ILE B 67 -16.69 1.48 8.22
CA ILE B 67 -17.43 2.11 9.31
C ILE B 67 -16.79 1.89 10.67
N ARG B 68 -16.26 0.71 10.94
CA ARG B 68 -15.61 0.54 12.23
C ARG B 68 -14.59 1.68 12.39
N ASP B 69 -13.71 1.86 11.39
CA ASP B 69 -12.70 2.94 11.42
C ASP B 69 -13.27 4.37 11.50
N ALA B 70 -14.26 4.67 10.67
CA ALA B 70 -14.90 5.99 10.65
C ALA B 70 -15.33 6.36 12.06
N VAL B 71 -16.14 5.50 12.63
CA VAL B 71 -16.63 5.70 13.98
C VAL B 71 -15.49 5.85 14.99
N THR B 72 -14.41 5.12 14.77
CA THR B 72 -13.30 5.25 15.70
C THR B 72 -12.78 6.68 15.64
N TYR B 73 -12.87 7.31 14.46
CA TYR B 73 -12.42 8.69 14.29
C TYR B 73 -13.39 9.62 14.98
N THR B 74 -14.67 9.35 14.76
CA THR B 74 -15.76 10.09 15.38
C THR B 74 -15.58 10.11 16.91
N GLU B 75 -15.50 8.94 17.54
CA GLU B 75 -15.35 8.87 19.00
C GLU B 75 -14.11 9.58 19.52
N HIS B 76 -13.01 9.51 18.80
CA HIS B 76 -11.78 10.17 19.27
C HIS B 76 -11.99 11.68 19.35
N ALA B 77 -12.83 12.17 18.43
CA ALA B 77 -13.17 13.57 18.29
C ALA B 77 -14.22 14.01 19.31
N LYS B 78 -14.77 13.05 20.05
CA LYS B 78 -15.79 13.31 21.05
C LYS B 78 -17.13 13.77 20.50
N ARG B 79 -17.50 13.31 19.33
CA ARG B 79 -18.79 13.69 18.79
C ARG B 79 -19.72 12.48 18.72
N LYS B 80 -20.91 12.67 18.17
CA LYS B 80 -21.90 11.60 18.07
C LYS B 80 -22.40 11.57 16.63
N THR B 81 -21.80 12.41 15.82
CA THR B 81 -22.19 12.47 14.43
C THR B 81 -21.00 12.03 13.56
N VAL B 82 -21.27 11.16 12.58
CA VAL B 82 -20.22 10.71 11.68
C VAL B 82 -20.15 11.68 10.51
N THR B 83 -18.96 12.21 10.22
CA THR B 83 -18.82 13.16 9.12
C THR B 83 -18.18 12.56 7.88
N ALA B 84 -18.21 13.31 6.79
CA ALA B 84 -17.59 12.87 5.54
C ALA B 84 -16.11 12.63 5.77
N MET B 85 -15.49 13.47 6.58
CA MET B 85 -14.06 13.32 6.83
C MET B 85 -13.72 12.03 7.57
N ASP B 86 -14.53 11.68 8.55
CA ASP B 86 -14.36 10.45 9.30
C ASP B 86 -14.39 9.28 8.31
N VAL B 87 -15.28 9.34 7.34
CA VAL B 87 -15.40 8.30 6.34
C VAL B 87 -14.23 8.37 5.39
N VAL B 88 -13.84 9.59 5.04
CA VAL B 88 -12.77 9.75 4.10
C VAL B 88 -11.45 9.31 4.65
N TYR B 89 -11.20 9.65 5.91
CA TYR B 89 -9.96 9.26 6.51
C TYR B 89 -9.91 7.74 6.60
N ALA B 90 -11.03 7.14 6.95
CA ALA B 90 -11.12 5.70 7.08
C ALA B 90 -10.72 5.04 5.79
N LEU B 91 -11.45 5.37 4.72
CA LEU B 91 -11.17 4.83 3.40
C LEU B 91 -9.67 5.01 3.04
N LYS B 92 -9.10 6.12 3.50
CA LYS B 92 -7.72 6.44 3.22
C LYS B 92 -6.75 5.43 3.79
N ARG B 93 -6.86 5.17 5.09
CA ARG B 93 -5.98 4.22 5.73
C ARG B 93 -6.34 2.78 5.40
N GLN B 94 -7.41 2.61 4.65
CA GLN B 94 -7.89 1.30 4.21
C GLN B 94 -7.29 1.16 2.83
N GLY B 95 -6.56 2.19 2.43
CA GLY B 95 -5.96 2.21 1.11
C GLY B 95 -6.99 2.37 -0.01
N ARG B 96 -8.21 2.80 0.31
CA ARG B 96 -9.23 2.98 -0.72
C ARG B 96 -9.55 4.49 -0.78
N THR B 97 -8.50 5.32 -0.84
CA THR B 97 -8.62 6.77 -0.95
C THR B 97 -9.72 7.28 -1.89
N LEU B 98 -10.48 8.25 -1.40
CA LEU B 98 -11.60 8.86 -2.14
C LEU B 98 -11.46 10.39 -2.32
N TYR B 99 -11.81 10.88 -3.50
CA TYR B 99 -11.77 12.31 -3.81
C TYR B 99 -13.20 12.79 -4.07
N GLY B 100 -13.56 13.94 -3.52
CA GLY B 100 -14.90 14.46 -3.73
C GLY B 100 -15.69 14.83 -2.49
N PHE B 101 -15.12 14.57 -1.32
CA PHE B 101 -15.83 14.89 -0.10
C PHE B 101 -14.78 15.32 0.90
N GLY B 102 -13.59 14.75 0.77
CA GLY B 102 -12.57 15.05 1.74
C GLY B 102 -11.70 16.19 1.34
N GLY B 103 -12.16 17.40 1.61
CA GLY B 103 -11.37 18.57 1.26
C GLY B 103 -11.27 19.66 2.31
N ARG C 11 17.74 16.32 43.96
CA ARG C 11 18.21 15.11 43.24
C ARG C 11 18.05 13.84 44.08
N ALA C 12 16.81 13.38 44.24
CA ALA C 12 16.52 12.16 44.99
C ALA C 12 16.85 10.97 44.09
N LYS C 13 18.01 10.37 44.31
CA LYS C 13 18.49 9.24 43.51
C LYS C 13 18.15 9.45 42.03
N ALA C 14 17.34 8.56 41.46
CA ALA C 14 16.93 8.65 40.05
C ALA C 14 16.02 7.45 39.79
N LYS C 15 14.81 7.74 39.34
CA LYS C 15 13.80 6.72 39.07
C LYS C 15 13.41 6.70 37.58
N THR C 16 13.80 5.65 36.87
CA THR C 16 13.48 5.54 35.45
C THR C 16 11.97 5.52 35.20
N ARG C 17 11.50 6.40 34.33
CA ARG C 17 10.06 6.47 34.01
C ARG C 17 9.47 5.09 33.74
N SER C 18 10.33 4.13 33.46
CA SER C 18 9.90 2.78 33.17
C SER C 18 9.53 2.09 34.45
N SER C 19 10.36 2.24 35.48
CA SER C 19 10.06 1.62 36.77
C SER C 19 8.77 2.25 37.27
N ARG C 20 8.64 3.55 37.13
CA ARG C 20 7.42 4.23 37.56
C ARG C 20 6.20 3.61 36.86
N ALA C 21 6.41 3.03 35.68
CA ALA C 21 5.28 2.51 34.93
C ALA C 21 5.19 1.02 34.92
N GLY C 22 6.21 0.36 35.44
CA GLY C 22 6.20 -1.10 35.50
C GLY C 22 6.40 -1.78 34.16
N LEU C 23 7.11 -1.08 33.26
CA LEU C 23 7.41 -1.61 31.94
C LEU C 23 8.88 -1.97 31.88
N GLN C 24 9.23 -2.74 30.86
CA GLN C 24 10.61 -3.15 30.63
C GLN C 24 11.19 -2.27 29.54
N PHE C 25 10.35 -1.91 28.57
CA PHE C 25 10.76 -1.06 27.47
C PHE C 25 11.06 0.34 28.00
N PRO C 26 12.04 1.04 27.40
CA PRO C 26 12.50 2.40 27.75
C PRO C 26 11.60 3.57 27.47
N VAL C 27 10.76 3.92 28.44
CA VAL C 27 9.84 5.04 28.31
C VAL C 27 10.49 6.37 27.93
N GLY C 28 11.65 6.64 28.51
CA GLY C 28 12.37 7.88 28.22
C GLY C 28 12.77 7.97 26.76
N ARG C 29 13.45 6.93 26.29
CA ARG C 29 13.83 6.87 24.90
C ARG C 29 12.59 7.01 23.98
N VAL C 30 11.50 6.35 24.30
CA VAL C 30 10.32 6.47 23.45
C VAL C 30 9.83 7.90 23.39
N HIS C 31 9.98 8.63 24.50
CA HIS C 31 9.55 10.02 24.54
C HIS C 31 10.40 10.78 23.50
N ARG C 32 11.72 10.64 23.65
CA ARG C 32 12.69 11.29 22.78
C ARG C 32 12.40 10.97 21.31
N LEU C 33 12.31 9.69 20.94
CA LEU C 33 12.02 9.31 19.54
C LEU C 33 10.77 9.99 19.04
N LEU C 34 9.77 10.12 19.89
CA LEU C 34 8.55 10.76 19.49
C LEU C 34 8.78 12.23 19.20
N ARG C 35 9.67 12.85 20.00
CA ARG C 35 10.03 14.26 19.83
C ARG C 35 10.69 14.50 18.47
N LYS C 36 11.88 13.93 18.32
CA LYS C 36 12.68 14.02 17.10
C LYS C 36 12.03 13.44 15.80
N GLY C 37 11.00 12.62 15.91
CA GLY C 37 10.42 12.07 14.70
C GLY C 37 9.39 13.01 14.12
N ASN C 38 9.26 14.16 14.78
CA ASN C 38 8.30 15.19 14.37
C ASN C 38 6.94 14.66 13.92
N TYR C 39 6.13 14.26 14.89
CA TYR C 39 4.80 13.77 14.62
C TYR C 39 3.92 14.89 15.10
N ALA C 40 4.53 15.78 15.89
CA ALA C 40 3.86 16.95 16.48
C ALA C 40 4.77 17.84 17.35
N GLU C 41 4.27 19.07 17.59
CA GLU C 41 4.98 20.05 18.38
C GLU C 41 5.22 19.58 19.79
N ARG C 42 4.15 19.22 20.48
CA ARG C 42 4.29 18.76 21.87
C ARG C 42 3.95 17.27 21.97
N VAL C 43 4.57 16.61 22.94
CA VAL C 43 4.33 15.20 23.13
C VAL C 43 4.04 14.97 24.60
N GLY C 44 2.75 14.68 24.90
CA GLY C 44 2.24 14.41 26.25
C GLY C 44 3.07 13.50 27.14
N ALA C 45 2.75 13.42 28.43
CA ALA C 45 3.53 12.60 29.38
C ALA C 45 3.17 11.14 29.39
N GLY C 46 1.92 10.83 29.03
CA GLY C 46 1.48 9.45 29.01
C GLY C 46 1.80 8.79 27.69
N ALA C 47 1.73 9.61 26.64
CA ALA C 47 2.04 9.19 25.29
C ALA C 47 3.19 8.16 25.22
N PRO C 48 4.40 8.52 25.68
CA PRO C 48 5.51 7.56 25.62
C PRO C 48 5.24 6.37 26.50
N VAL C 49 4.59 6.61 27.63
CA VAL C 49 4.29 5.52 28.56
C VAL C 49 3.36 4.48 27.94
N TYR C 50 2.27 4.94 27.34
CA TYR C 50 1.29 4.06 26.70
C TYR C 50 1.94 3.28 25.55
N LEU C 51 2.55 4.00 24.62
CA LEU C 51 3.20 3.35 23.48
C LEU C 51 4.27 2.34 23.91
N ALA C 52 5.10 2.72 24.86
CA ALA C 52 6.11 1.78 25.29
C ALA C 52 5.44 0.50 25.83
N ALA C 53 4.25 0.62 26.42
CA ALA C 53 3.51 -0.56 26.92
C ALA C 53 3.04 -1.46 25.76
N VAL C 54 2.40 -0.85 24.76
CA VAL C 54 1.94 -1.53 23.56
C VAL C 54 3.09 -2.31 22.88
N LEU C 55 4.17 -1.61 22.59
CA LEU C 55 5.30 -2.27 21.97
C LEU C 55 5.73 -3.46 22.79
N GLU C 56 5.77 -3.28 24.10
CA GLU C 56 6.15 -4.38 24.99
C GLU C 56 5.12 -5.53 24.88
N TYR C 57 3.82 -5.20 24.91
CA TYR C 57 2.85 -6.26 24.77
C TYR C 57 3.09 -7.01 23.45
N LEU C 58 3.06 -6.31 22.31
CA LEU C 58 3.30 -6.97 21.03
C LEU C 58 4.61 -7.69 21.01
N THR C 59 5.63 -7.15 21.64
CA THR C 59 6.88 -7.91 21.63
C THR C 59 6.76 -9.24 22.38
N ALA C 60 6.04 -9.26 23.50
CA ALA C 60 5.94 -10.48 24.27
C ALA C 60 5.10 -11.55 23.58
N GLU C 61 4.08 -11.13 22.84
CA GLU C 61 3.25 -12.09 22.11
C GLU C 61 4.08 -12.75 21.08
N ILE C 62 4.83 -11.98 20.31
CA ILE C 62 5.68 -12.57 19.28
C ILE C 62 6.63 -13.52 19.97
N LEU C 63 7.36 -13.04 20.96
CA LEU C 63 8.33 -13.87 21.71
C LEU C 63 7.78 -15.12 22.35
N GLU C 64 6.57 -15.02 22.90
CA GLU C 64 5.96 -16.19 23.52
C GLU C 64 5.71 -17.28 22.48
N LEU C 65 5.17 -16.91 21.32
CA LEU C 65 4.87 -17.90 20.31
C LEU C 65 6.10 -18.44 19.63
N ALA C 66 7.10 -17.58 19.48
CA ALA C 66 8.35 -17.96 18.82
C ALA C 66 9.11 -18.90 19.73
N GLY C 67 9.01 -18.61 21.02
CA GLY C 67 9.64 -19.43 22.02
C GLY C 67 8.99 -20.77 21.97
N ASN C 68 7.65 -20.83 21.87
CA ASN C 68 6.99 -22.16 21.84
C ASN C 68 7.44 -22.89 20.60
N ALA C 69 7.50 -22.18 19.49
CA ALA C 69 7.92 -22.79 18.24
C ALA C 69 9.33 -23.34 18.34
N ALA C 70 10.26 -22.54 18.86
CA ALA C 70 11.60 -23.06 18.96
C ALA C 70 11.54 -24.35 19.76
N ARG C 71 10.89 -24.30 20.94
CA ARG C 71 10.78 -25.50 21.76
C ARG C 71 10.19 -26.73 21.04
N ASP C 72 9.17 -26.56 20.19
CA ASP C 72 8.58 -27.71 19.45
C ASP C 72 9.57 -28.31 18.47
N ASN C 73 10.55 -27.54 17.99
CA ASN C 73 11.53 -28.08 17.05
C ASN C 73 12.80 -28.35 17.85
N LYS C 74 12.62 -28.89 19.04
CA LYS C 74 13.74 -29.17 19.90
C LYS C 74 14.90 -28.17 19.80
N LYS C 75 14.61 -26.87 19.86
CA LYS C 75 15.68 -25.88 19.80
C LYS C 75 15.55 -25.00 20.99
N THR C 76 16.65 -24.37 21.35
CA THR C 76 16.71 -23.50 22.52
C THR C 76 16.96 -22.02 22.17
N ARG C 77 17.31 -21.78 20.92
CA ARG C 77 17.62 -20.43 20.47
C ARG C 77 16.65 -20.11 19.37
N ILE C 78 15.86 -19.06 19.56
CA ILE C 78 14.90 -18.62 18.55
C ILE C 78 15.67 -18.07 17.33
N ILE C 79 15.28 -18.50 16.14
CA ILE C 79 15.85 -18.02 14.89
C ILE C 79 14.71 -17.40 14.04
N PRO C 80 15.05 -16.77 12.91
CA PRO C 80 13.98 -16.17 12.09
C PRO C 80 12.84 -17.13 11.72
N ARG C 81 13.19 -18.37 11.39
CA ARG C 81 12.18 -19.32 11.06
C ARG C 81 11.10 -19.36 12.15
N HIS C 82 11.52 -19.26 13.41
CA HIS C 82 10.55 -19.33 14.52
C HIS C 82 9.67 -18.10 14.55
N LEU C 83 10.23 -16.93 14.18
CA LEU C 83 9.40 -15.74 14.16
C LEU C 83 8.34 -15.98 13.07
N GLN C 84 8.75 -16.38 11.87
CA GLN C 84 7.81 -16.70 10.76
C GLN C 84 6.68 -17.61 11.24
N LEU C 85 7.03 -18.78 11.80
CA LEU C 85 6.01 -19.73 12.27
C LEU C 85 5.06 -19.09 13.28
N ALA C 86 5.62 -18.44 14.29
CA ALA C 86 4.80 -17.73 15.29
C ALA C 86 3.77 -16.86 14.61
N VAL C 87 4.27 -15.88 13.86
CA VAL C 87 3.47 -14.90 13.17
C VAL C 87 2.47 -15.39 12.14
N ARG C 88 2.91 -16.25 11.22
CA ARG C 88 1.99 -16.72 10.18
C ARG C 88 0.89 -17.72 10.66
N ASN C 89 1.10 -18.32 11.82
CA ASN C 89 0.15 -19.26 12.40
C ASN C 89 -0.83 -18.55 13.33
N ASP C 90 -0.67 -17.26 13.50
CA ASP C 90 -1.58 -16.49 14.33
C ASP C 90 -2.38 -15.50 13.46
N GLU C 91 -3.70 -15.67 13.40
CA GLU C 91 -4.50 -14.81 12.55
C GLU C 91 -4.23 -13.32 12.68
N GLU C 92 -4.28 -12.82 13.90
CA GLU C 92 -4.10 -11.42 14.09
C GLU C 92 -2.73 -10.88 13.77
N LEU C 93 -1.67 -11.52 14.29
CA LEU C 93 -0.34 -11.01 14.01
C LEU C 93 -0.12 -11.09 12.52
N ASN C 94 -0.68 -12.11 11.90
CA ASN C 94 -0.46 -12.28 10.48
C ASN C 94 -1.00 -11.12 9.67
N LYS C 95 -2.13 -10.56 10.10
CA LYS C 95 -2.75 -9.41 9.39
C LYS C 95 -1.89 -8.16 9.62
N LEU C 96 -1.44 -7.99 10.86
CA LEU C 96 -0.59 -6.89 11.24
C LEU C 96 0.70 -6.89 10.39
N LEU C 97 1.25 -8.07 10.14
CA LEU C 97 2.42 -8.16 9.32
C LEU C 97 2.14 -8.75 7.93
N GLY C 98 0.98 -8.39 7.36
CA GLY C 98 0.58 -8.89 6.06
C GLY C 98 1.44 -8.44 4.92
N ARG C 99 2.03 -7.27 5.08
CA ARG C 99 2.88 -6.71 4.05
C ARG C 99 4.33 -6.74 4.48
N VAL C 100 4.70 -7.71 5.28
CA VAL C 100 6.06 -7.75 5.80
C VAL C 100 6.71 -9.03 5.49
N THR C 101 8.00 -8.93 5.21
CA THR C 101 8.80 -10.11 4.90
C THR C 101 9.83 -10.26 6.00
N ILE C 102 9.87 -11.47 6.53
CA ILE C 102 10.79 -11.80 7.57
C ILE C 102 11.93 -12.52 6.87
N ALA C 103 13.07 -11.87 6.80
CA ALA C 103 14.20 -12.45 6.16
C ALA C 103 14.58 -13.77 6.76
N GLN C 104 14.61 -14.81 5.93
CA GLN C 104 15.01 -16.15 6.31
C GLN C 104 13.98 -16.94 7.10
N GLY C 105 12.72 -16.61 6.92
CA GLY C 105 11.70 -17.33 7.64
C GLY C 105 10.94 -18.42 6.90
N GLY C 106 11.08 -18.51 5.60
CA GLY C 106 10.41 -19.54 4.84
C GLY C 106 8.93 -19.30 4.74
N VAL C 107 8.23 -20.36 4.38
CA VAL C 107 6.79 -20.29 4.28
C VAL C 107 6.19 -21.36 5.16
N LEU C 108 4.87 -21.40 5.26
CA LEU C 108 4.19 -22.42 6.05
C LEU C 108 3.97 -23.61 5.18
N PRO C 109 4.47 -24.78 5.62
CA PRO C 109 4.28 -25.98 4.81
C PRO C 109 2.79 -26.07 4.48
N ASN C 110 2.47 -26.15 3.20
CA ASN C 110 1.10 -26.20 2.79
C ASN C 110 1.00 -26.55 1.29
N ILE C 111 0.39 -27.71 1.03
CA ILE C 111 0.19 -28.27 -0.31
C ILE C 111 -1.29 -28.32 -0.66
N GLN C 112 -1.68 -27.72 -1.78
CA GLN C 112 -3.09 -27.77 -2.18
C GLN C 112 -3.43 -29.25 -2.33
N SER C 113 -4.58 -29.64 -1.76
CA SER C 113 -5.10 -31.01 -1.78
C SER C 113 -5.13 -31.68 -3.17
N VAL C 114 -5.73 -30.98 -4.14
CA VAL C 114 -5.81 -31.43 -5.53
C VAL C 114 -4.46 -31.94 -6.10
N LEU C 115 -3.36 -31.57 -5.47
CA LEU C 115 -2.06 -31.98 -5.95
C LEU C 115 -1.53 -33.25 -5.27
N LEU C 116 -2.32 -33.79 -4.34
CA LEU C 116 -1.93 -34.99 -3.63
C LEU C 116 -2.21 -36.26 -4.43
N PRO C 117 -1.36 -37.30 -4.26
CA PRO C 117 -1.49 -38.58 -4.97
C PRO C 117 -2.92 -39.10 -4.84
N LYS C 118 -3.60 -39.26 -5.97
CA LYS C 118 -4.98 -39.74 -5.98
C LYS C 118 -4.95 -41.10 -5.29
N LYS C 119 -5.59 -41.18 -4.12
CA LYS C 119 -5.61 -42.42 -3.35
C LYS C 119 -6.54 -43.43 -4.01
N THR C 120 -6.36 -43.60 -5.31
CA THR C 120 -7.16 -44.52 -6.10
C THR C 120 -6.51 -44.85 -7.46
N GLU C 121 -5.84 -46.01 -7.54
CA GLU C 121 -5.20 -46.47 -8.77
C GLU C 121 -4.83 -47.95 -8.71
N GLY D 23 43.07 -2.76 15.92
CA GLY D 23 42.31 -1.54 15.52
C GLY D 23 43.04 -0.25 15.88
N LYS D 24 42.40 0.89 15.65
CA LYS D 24 42.97 2.20 15.96
C LYS D 24 41.90 3.13 16.57
N LYS D 25 42.31 4.24 17.18
CA LYS D 25 41.36 5.17 17.80
C LYS D 25 40.52 5.98 16.80
N ARG D 26 39.23 5.63 16.71
CA ARG D 26 38.30 6.29 15.81
C ARG D 26 36.94 6.51 16.48
N ARG D 27 36.64 5.67 17.47
CA ARG D 27 35.38 5.74 18.20
C ARG D 27 34.22 5.24 17.33
N LYS D 28 34.06 3.93 17.19
CA LYS D 28 32.98 3.38 16.38
C LYS D 28 31.69 4.07 16.80
N THR D 29 31.07 4.79 15.87
CA THR D 29 29.86 5.50 16.18
C THR D 29 28.92 4.61 16.97
N ARG D 30 28.12 5.23 17.81
CA ARG D 30 27.18 4.51 18.66
C ARG D 30 25.84 4.29 18.01
N LYS D 31 25.41 3.02 17.96
CA LYS D 31 24.10 2.74 17.40
C LYS D 31 23.25 2.08 18.48
N GLU D 32 22.03 2.60 18.66
CA GLU D 32 21.13 2.04 19.67
C GLU D 32 20.01 1.25 19.04
N SER D 33 19.42 0.36 19.84
CA SER D 33 18.30 -0.50 19.43
C SER D 33 17.48 -0.94 20.66
N TYR D 34 16.41 -1.70 20.43
CA TYR D 34 15.58 -2.20 21.50
C TYR D 34 16.08 -3.55 22.00
N ALA D 35 17.23 -3.96 21.49
CA ALA D 35 17.77 -5.26 21.87
C ALA D 35 17.69 -5.69 23.32
N ILE D 36 18.18 -4.85 24.23
CA ILE D 36 18.20 -5.24 25.63
C ILE D 36 16.83 -5.39 26.23
N TYR D 37 15.92 -4.48 25.87
CA TYR D 37 14.56 -4.63 26.33
C TYR D 37 13.96 -5.94 25.73
N VAL D 38 14.09 -6.12 24.42
CA VAL D 38 13.53 -7.32 23.83
C VAL D 38 14.01 -8.52 24.60
N TYR D 39 15.25 -8.44 25.04
CA TYR D 39 15.82 -9.57 25.75
C TYR D 39 15.16 -9.76 27.11
N LYS D 40 14.94 -8.66 27.83
CA LYS D 40 14.32 -8.75 29.15
C LYS D 40 12.98 -9.47 28.95
N VAL D 41 12.14 -8.91 28.11
CA VAL D 41 10.88 -9.57 27.87
C VAL D 41 11.06 -11.03 27.49
N LEU D 42 12.03 -11.36 26.64
CA LEU D 42 12.16 -12.79 26.29
C LEU D 42 12.39 -13.64 27.54
N LYS D 43 13.31 -13.20 28.38
CA LYS D 43 13.67 -13.90 29.63
C LYS D 43 12.47 -14.14 30.53
N GLN D 44 11.60 -13.14 30.58
CA GLN D 44 10.38 -13.17 31.36
C GLN D 44 9.42 -14.26 30.87
N VAL D 45 9.29 -14.42 29.56
CA VAL D 45 8.37 -15.41 29.03
C VAL D 45 8.99 -16.76 28.84
N HIS D 46 10.27 -16.80 28.51
CA HIS D 46 10.97 -18.07 28.30
C HIS D 46 12.33 -17.93 28.89
N PRO D 47 12.43 -18.07 30.21
CA PRO D 47 13.70 -17.95 30.93
C PRO D 47 14.89 -18.64 30.30
N ASP D 48 14.71 -19.89 29.85
CA ASP D 48 15.77 -20.69 29.30
C ASP D 48 15.90 -20.70 27.79
N THR D 49 15.54 -19.59 27.17
CA THR D 49 15.61 -19.56 25.74
C THR D 49 16.26 -18.33 25.22
N GLY D 50 17.09 -18.53 24.21
CA GLY D 50 17.79 -17.41 23.62
C GLY D 50 17.36 -17.01 22.24
N ILE D 51 18.04 -16.04 21.69
CA ILE D 51 17.65 -15.61 20.39
C ILE D 51 18.85 -15.30 19.54
N SER D 52 18.85 -15.79 18.31
CA SER D 52 19.97 -15.52 17.38
C SER D 52 20.05 -14.02 17.06
N SER D 53 21.18 -13.59 16.52
CA SER D 53 21.33 -12.18 16.17
C SER D 53 20.39 -11.73 15.00
N LYS D 54 20.14 -12.60 14.03
CA LYS D 54 19.27 -12.22 12.92
C LYS D 54 17.85 -12.15 13.45
N ALA D 55 17.53 -13.02 14.41
CA ALA D 55 16.20 -13.00 14.97
C ALA D 55 16.01 -11.71 15.75
N MET D 56 17.00 -11.36 16.54
CA MET D 56 16.95 -10.13 17.29
C MET D 56 16.91 -8.98 16.31
N SER D 57 17.72 -9.03 15.24
CA SER D 57 17.66 -7.93 14.28
C SER D 57 16.23 -7.76 13.77
N ILE D 58 15.56 -8.88 13.51
CA ILE D 58 14.17 -8.86 13.13
C ILE D 58 13.25 -8.28 14.23
N MET D 59 13.46 -8.69 15.50
CA MET D 59 12.61 -8.13 16.56
C MET D 59 12.78 -6.60 16.58
N ASN D 60 14.02 -6.15 16.48
CA ASN D 60 14.26 -4.69 16.47
C ASN D 60 13.51 -3.98 15.33
N SER D 61 13.43 -4.64 14.19
CA SER D 61 12.74 -4.03 13.08
C SER D 61 11.27 -3.94 13.32
N PHE D 62 10.72 -5.01 13.89
CA PHE D 62 9.29 -5.07 14.19
C PHE D 62 8.93 -3.92 15.17
N VAL D 63 9.66 -3.79 16.27
CA VAL D 63 9.37 -2.69 17.20
C VAL D 63 9.36 -1.35 16.46
N ASN D 64 10.46 -1.03 15.76
CA ASN D 64 10.50 0.22 14.99
C ASN D 64 9.35 0.47 14.05
N ASP D 65 9.03 -0.56 13.28
CA ASP D 65 7.94 -0.53 12.35
C ASP D 65 6.64 -0.11 13.09
N VAL D 66 6.24 -0.90 14.05
CA VAL D 66 5.07 -0.62 14.80
C VAL D 66 5.14 0.77 15.41
N PHE D 67 6.31 1.15 15.95
CA PHE D 67 6.39 2.48 16.55
C PHE D 67 5.96 3.52 15.53
N GLU D 68 6.61 3.53 14.36
CA GLU D 68 6.27 4.49 13.31
C GLU D 68 4.81 4.35 12.89
N ARG D 69 4.36 3.11 12.75
CA ARG D 69 2.98 2.87 12.38
C ARG D 69 2.02 3.60 13.33
N ILE D 70 2.27 3.52 14.64
CA ILE D 70 1.40 4.15 15.62
C ILE D 70 1.61 5.66 15.76
N ALA D 71 2.87 6.06 15.99
CA ALA D 71 3.25 7.47 16.07
C ALA D 71 2.62 8.20 14.86
N GLY D 72 2.73 7.58 13.70
CA GLY D 72 2.22 8.21 12.51
C GLY D 72 0.75 8.38 12.45
N GLU D 73 0.00 7.39 12.90
CA GLU D 73 -1.47 7.49 12.86
C GLU D 73 -1.84 8.49 13.94
N ALA D 74 -1.05 8.49 15.01
CA ALA D 74 -1.26 9.41 16.13
C ALA D 74 -1.11 10.83 15.59
N SER D 75 0.06 11.11 15.04
CA SER D 75 0.38 12.40 14.46
C SER D 75 -0.79 12.88 13.59
N ARG D 76 -1.18 12.05 12.66
CA ARG D 76 -2.30 12.41 11.81
C ARG D 76 -3.54 12.77 12.65
N LEU D 77 -3.87 11.94 13.65
CA LEU D 77 -5.06 12.19 14.48
C LEU D 77 -5.08 13.62 14.99
N ALA D 78 -3.98 14.00 15.64
CA ALA D 78 -3.87 15.34 16.18
C ALA D 78 -4.10 16.43 15.12
N HIS D 79 -3.74 16.16 13.87
CA HIS D 79 -3.97 17.16 12.83
C HIS D 79 -5.46 17.25 12.57
N TYR D 80 -6.06 16.12 12.30
CA TYR D 80 -7.47 16.14 11.99
C TYR D 80 -8.23 16.88 13.05
N ASN D 81 -7.68 16.93 14.25
CA ASN D 81 -8.35 17.57 15.37
C ASN D 81 -7.65 18.83 15.86
N LYS D 82 -7.06 19.52 14.92
CA LYS D 82 -6.33 20.76 15.19
C LYS D 82 -5.60 20.76 16.52
N ARG D 83 -5.26 19.60 17.04
CA ARG D 83 -4.55 19.59 18.30
C ARG D 83 -3.11 19.57 17.92
N SER D 84 -2.27 20.12 18.78
CA SER D 84 -0.87 20.18 18.46
C SER D 84 -0.10 19.35 19.45
N THR D 85 -0.82 18.48 20.14
CA THR D 85 -0.16 17.63 21.11
C THR D 85 -0.52 16.18 20.79
N ILE D 86 0.44 15.30 21.04
CA ILE D 86 0.23 13.88 20.89
C ILE D 86 0.15 13.41 22.34
N THR D 87 -1.03 12.93 22.70
CA THR D 87 -1.28 12.41 24.02
C THR D 87 -1.80 10.99 23.92
N SER D 88 -1.89 10.38 25.08
CA SER D 88 -2.38 9.04 25.25
C SER D 88 -3.66 8.79 24.51
N ARG D 89 -4.48 9.85 24.33
CA ARG D 89 -5.74 9.58 23.66
C ARG D 89 -5.54 9.34 22.17
N GLU D 90 -4.42 9.86 21.63
CA GLU D 90 -4.10 9.64 20.22
C GLU D 90 -3.42 8.27 20.11
N ILE D 91 -2.51 7.94 21.04
CA ILE D 91 -1.89 6.64 20.98
C ILE D 91 -2.93 5.54 21.02
N GLN D 92 -3.91 5.68 21.90
CA GLN D 92 -4.96 4.68 22.03
C GLN D 92 -5.86 4.56 20.78
N THR D 93 -6.27 5.69 20.23
CA THR D 93 -7.11 5.59 19.05
C THR D 93 -6.29 4.93 17.96
N ALA D 94 -5.05 5.35 17.89
CA ALA D 94 -4.11 4.83 16.92
C ALA D 94 -4.09 3.31 17.05
N VAL D 95 -3.69 2.85 18.22
CA VAL D 95 -3.61 1.44 18.50
C VAL D 95 -4.91 0.77 18.06
N ARG D 96 -6.03 1.42 18.35
CA ARG D 96 -7.30 0.82 17.98
C ARG D 96 -7.50 0.73 16.47
N LEU D 97 -7.03 1.72 15.71
CA LEU D 97 -7.20 1.69 14.23
C LEU D 97 -6.23 0.73 13.57
N LEU D 98 -5.06 0.59 14.20
CA LEU D 98 -3.98 -0.24 13.72
C LEU D 98 -3.89 -1.74 13.95
N LEU D 99 -3.91 -2.16 15.20
CA LEU D 99 -3.77 -3.58 15.52
C LEU D 99 -5.11 -4.30 15.28
N PRO D 100 -5.05 -5.53 14.77
CA PRO D 100 -6.26 -6.29 14.53
C PRO D 100 -6.90 -6.89 15.81
N GLY D 101 -8.21 -7.02 15.76
CA GLY D 101 -9.00 -7.58 16.84
C GLY D 101 -8.52 -7.58 18.28
N GLU D 102 -8.43 -8.78 18.84
CA GLU D 102 -8.03 -8.98 20.22
C GLU D 102 -6.72 -8.28 20.52
N LEU D 103 -5.86 -8.15 19.51
CA LEU D 103 -4.58 -7.49 19.76
C LEU D 103 -4.79 -6.10 20.33
N ALA D 104 -5.73 -5.36 19.76
CA ALA D 104 -5.99 -3.99 20.19
C ALA D 104 -6.49 -3.97 21.63
N LYS D 105 -7.48 -4.80 21.91
CA LYS D 105 -8.03 -4.88 23.26
C LYS D 105 -6.88 -5.10 24.27
N HIS D 106 -6.10 -6.16 24.08
CA HIS D 106 -5.06 -6.38 25.05
C HIS D 106 -4.11 -5.23 25.15
N ALA D 107 -3.83 -4.65 24.00
CA ALA D 107 -2.91 -3.56 23.90
C ALA D 107 -3.51 -2.30 24.54
N VAL D 108 -4.75 -1.98 24.25
CA VAL D 108 -5.36 -0.82 24.90
C VAL D 108 -5.38 -1.04 26.41
N SER D 109 -5.55 -2.29 26.78
CA SER D 109 -5.61 -2.65 28.17
C SER D 109 -4.29 -2.49 28.84
N GLU D 110 -3.25 -2.95 28.17
CA GLU D 110 -1.94 -2.87 28.78
C GLU D 110 -1.37 -1.47 28.82
N GLY D 111 -1.76 -0.65 27.83
CA GLY D 111 -1.31 0.74 27.77
C GLY D 111 -1.95 1.52 28.90
N THR D 112 -3.27 1.65 28.88
CA THR D 112 -4.01 2.32 29.95
C THR D 112 -3.50 1.92 31.35
N LYS D 113 -3.43 0.62 31.57
CA LYS D 113 -2.93 0.07 32.82
C LYS D 113 -1.62 0.77 33.29
N ALA D 114 -0.68 0.99 32.37
CA ALA D 114 0.59 1.63 32.75
C ALA D 114 0.50 3.15 32.93
N VAL D 115 -0.35 3.78 32.12
CA VAL D 115 -0.52 5.21 32.22
C VAL D 115 -0.96 5.43 33.65
N THR D 116 -1.95 4.66 34.06
CA THR D 116 -2.45 4.76 35.41
C THR D 116 -1.36 4.49 36.41
N LYS D 117 -0.78 3.30 36.36
CA LYS D 117 0.26 2.99 37.32
C LYS D 117 1.33 4.09 37.32
N TYR D 118 1.43 4.82 36.22
CA TYR D 118 2.41 5.87 36.09
C TYR D 118 1.99 7.24 36.63
N THR D 119 0.80 7.72 36.29
CA THR D 119 0.39 9.03 36.79
C THR D 119 0.13 8.93 38.28
N SER D 120 -0.04 7.71 38.76
CA SER D 120 -0.27 7.47 40.19
C SER D 120 1.07 7.31 40.88
N ALA D 121 1.48 6.06 41.12
CA ALA D 121 2.76 5.78 41.78
C ALA D 121 3.82 6.77 41.32
N LYS D 122 4.53 7.36 42.29
CA LYS D 122 5.58 8.35 42.04
C LYS D 122 5.40 9.22 40.78
N LYS E 37 16.72 -54.04 -11.15
CA LYS E 37 16.99 -52.91 -10.22
C LYS E 37 16.55 -51.54 -10.73
N PRO E 38 16.39 -51.36 -12.06
CA PRO E 38 15.97 -50.04 -12.54
C PRO E 38 14.75 -49.51 -11.79
N HIS E 39 14.91 -48.37 -11.14
CA HIS E 39 13.83 -47.78 -10.36
C HIS E 39 13.45 -46.42 -10.94
N ARG E 40 12.20 -46.02 -10.73
CA ARG E 40 11.70 -44.76 -11.24
C ARG E 40 10.41 -44.35 -10.54
N TYR E 41 10.42 -43.17 -9.92
CA TYR E 41 9.23 -42.71 -9.24
C TYR E 41 8.30 -42.22 -10.34
N ARG E 42 7.01 -42.24 -10.06
CA ARG E 42 6.05 -41.79 -11.04
C ARG E 42 6.06 -40.26 -11.14
N PRO E 43 5.86 -39.73 -12.34
CA PRO E 43 5.88 -38.28 -12.47
C PRO E 43 5.00 -37.54 -11.46
N GLY E 44 5.64 -36.80 -10.54
CA GLY E 44 4.92 -36.02 -9.55
C GLY E 44 5.15 -36.45 -8.13
N THR E 45 5.99 -37.44 -7.97
CA THR E 45 6.31 -38.00 -6.68
C THR E 45 7.56 -37.34 -6.19
N VAL E 46 8.35 -36.81 -7.11
CA VAL E 46 9.56 -36.12 -6.69
C VAL E 46 9.15 -34.69 -6.51
N ALA E 47 8.28 -34.23 -7.41
CA ALA E 47 7.78 -32.89 -7.32
C ALA E 47 7.19 -32.68 -5.91
N LEU E 48 6.26 -33.54 -5.49
CA LEU E 48 5.65 -33.41 -4.16
C LEU E 48 6.68 -33.59 -3.07
N ARG E 49 7.64 -34.45 -3.34
CA ARG E 49 8.71 -34.71 -2.39
C ARG E 49 9.38 -33.36 -2.11
N GLU E 50 9.73 -32.65 -3.19
CA GLU E 50 10.41 -31.33 -3.19
C GLU E 50 9.61 -30.20 -2.57
N ILE E 51 8.36 -30.09 -2.96
CA ILE E 51 7.45 -29.10 -2.36
C ILE E 51 7.64 -29.27 -0.86
N ARG E 52 7.52 -30.51 -0.41
CA ARG E 52 7.68 -30.79 1.02
C ARG E 52 9.04 -30.35 1.53
N ARG E 53 10.09 -30.64 0.77
CA ARG E 53 11.43 -30.26 1.15
C ARG E 53 11.68 -28.75 1.22
N TYR E 54 11.31 -28.02 0.16
CA TYR E 54 11.56 -26.61 0.14
C TYR E 54 10.72 -25.75 1.03
N GLN E 55 9.54 -26.24 1.40
CA GLN E 55 8.64 -25.51 2.33
C GLN E 55 9.05 -25.67 3.82
N LYS E 56 9.91 -26.63 4.05
CA LYS E 56 10.39 -26.91 5.37
C LYS E 56 11.63 -26.06 5.61
N SER E 57 12.33 -25.70 4.54
CA SER E 57 13.56 -24.95 4.72
C SER E 57 13.43 -23.48 4.42
N THR E 58 14.43 -22.71 4.87
CA THR E 58 14.51 -21.26 4.68
C THR E 58 15.62 -20.74 3.77
N GLU E 59 16.56 -21.57 3.38
CA GLU E 59 17.68 -21.15 2.52
C GLU E 59 17.26 -20.46 1.22
N LEU E 60 18.10 -19.55 0.74
CA LEU E 60 17.81 -18.89 -0.52
C LEU E 60 17.87 -19.99 -1.61
N LEU E 61 17.08 -19.84 -2.65
CA LEU E 61 17.05 -20.86 -3.67
C LEU E 61 17.70 -20.51 -5.02
N ILE E 62 17.94 -19.22 -5.26
CA ILE E 62 18.63 -18.81 -6.47
C ILE E 62 20.09 -18.81 -6.02
N ARG E 63 21.05 -19.16 -6.88
CA ARG E 63 22.43 -19.15 -6.38
C ARG E 63 22.96 -17.73 -6.23
N LYS E 64 23.80 -17.54 -5.22
CA LYS E 64 24.33 -16.24 -4.85
C LYS E 64 25.12 -15.38 -5.85
N LEU E 65 26.18 -15.91 -6.44
CA LEU E 65 26.98 -15.18 -7.40
C LEU E 65 26.12 -14.84 -8.66
N PRO E 66 25.46 -15.83 -9.23
CA PRO E 66 24.67 -15.40 -10.39
C PRO E 66 23.69 -14.24 -10.06
N PHE E 67 22.99 -14.34 -8.93
CA PHE E 67 22.01 -13.33 -8.54
C PHE E 67 22.67 -12.00 -8.43
N GLN E 68 23.87 -11.99 -7.86
CA GLN E 68 24.57 -10.73 -7.68
C GLN E 68 25.02 -10.09 -8.98
N ARG E 69 25.42 -10.89 -9.96
CA ARG E 69 25.81 -10.34 -11.26
C ARG E 69 24.60 -9.68 -11.89
N LEU E 70 23.41 -10.24 -11.67
CA LEU E 70 22.20 -9.67 -12.26
C LEU E 70 21.85 -8.31 -11.63
N VAL E 71 22.01 -8.21 -10.32
CA VAL E 71 21.72 -6.99 -9.61
C VAL E 71 22.70 -5.92 -10.03
N ARG E 72 23.97 -6.31 -10.15
CA ARG E 72 24.99 -5.38 -10.56
C ARG E 72 24.77 -4.92 -12.02
N GLU E 73 24.32 -5.83 -12.88
CA GLU E 73 24.07 -5.46 -14.24
C GLU E 73 22.88 -4.48 -14.34
N ILE E 74 21.76 -4.79 -13.69
CA ILE E 74 20.56 -3.95 -13.73
C ILE E 74 20.79 -2.52 -13.22
N ALA E 75 21.61 -2.43 -12.17
CA ALA E 75 21.92 -1.14 -11.55
C ALA E 75 22.80 -0.33 -12.45
N GLN E 76 23.97 -0.88 -12.75
CA GLN E 76 24.97 -0.27 -13.63
C GLN E 76 24.25 0.42 -14.77
N ASP E 77 23.26 -0.26 -15.37
CA ASP E 77 22.44 0.29 -16.46
C ASP E 77 21.44 1.40 -16.02
N PHE E 78 21.63 1.98 -14.84
CA PHE E 78 20.81 3.08 -14.28
C PHE E 78 21.78 4.17 -13.92
N LYS E 79 22.82 3.77 -13.19
CA LYS E 79 23.86 4.66 -12.73
C LYS E 79 25.16 3.83 -12.89
N THR E 80 26.24 4.51 -13.22
CA THR E 80 27.49 3.86 -13.52
C THR E 80 28.57 3.67 -12.45
N ASP E 81 28.71 4.60 -11.54
CA ASP E 81 29.77 4.38 -10.58
C ASP E 81 29.39 3.68 -9.27
N LEU E 82 28.38 2.82 -9.29
CA LEU E 82 27.93 2.18 -8.05
C LEU E 82 28.65 0.99 -7.49
N ARG E 83 28.61 0.89 -6.20
CA ARG E 83 29.15 -0.28 -5.57
C ARG E 83 28.04 -0.69 -4.62
N PHE E 84 27.88 -1.98 -4.39
CA PHE E 84 26.87 -2.44 -3.45
C PHE E 84 27.50 -3.02 -2.20
N GLN E 85 27.02 -2.64 -1.00
CA GLN E 85 27.49 -3.36 0.19
C GLN E 85 26.88 -4.80 0.04
N SER E 86 27.56 -5.79 0.58
CA SER E 86 27.06 -7.16 0.45
C SER E 86 25.65 -7.35 1.04
N SER E 87 25.39 -6.71 2.17
CA SER E 87 24.11 -6.89 2.80
C SER E 87 22.95 -6.37 1.95
N ALA E 88 23.25 -5.44 1.05
CA ALA E 88 22.22 -4.87 0.20
C ALA E 88 21.81 -5.87 -0.85
N VAL E 89 22.76 -6.68 -1.30
CA VAL E 89 22.46 -7.70 -2.31
C VAL E 89 21.71 -8.81 -1.60
N MET E 90 22.10 -9.06 -0.37
CA MET E 90 21.41 -10.06 0.40
C MET E 90 19.94 -9.62 0.62
N ALA E 91 19.71 -8.35 0.97
CA ALA E 91 18.34 -7.88 1.18
C ALA E 91 17.57 -8.02 -0.10
N LEU E 92 18.19 -7.60 -1.19
CA LEU E 92 17.57 -7.71 -2.49
C LEU E 92 17.21 -9.15 -2.83
N GLN E 93 18.07 -10.08 -2.50
CA GLN E 93 17.71 -11.46 -2.84
C GLN E 93 16.57 -12.02 -1.96
N GLU E 94 16.55 -11.64 -0.68
CA GLU E 94 15.52 -12.09 0.26
C GLU E 94 14.17 -11.56 -0.19
N ALA E 95 14.13 -10.27 -0.52
CA ALA E 95 12.90 -9.64 -0.97
C ALA E 95 12.44 -10.25 -2.29
N SER E 96 13.40 -10.52 -3.17
CA SER E 96 13.09 -11.12 -4.48
C SER E 96 12.57 -12.52 -4.35
N GLU E 97 13.30 -13.37 -3.65
CA GLU E 97 12.78 -14.70 -3.50
C GLU E 97 11.44 -14.69 -2.76
N ALA E 98 11.28 -13.92 -1.68
CA ALA E 98 9.97 -13.93 -1.06
C ALA E 98 8.92 -13.50 -2.05
N TYR E 99 9.20 -12.47 -2.85
CA TYR E 99 8.19 -12.02 -3.84
C TYR E 99 7.79 -13.11 -4.87
N LEU E 100 8.75 -13.90 -5.38
CA LEU E 100 8.43 -14.90 -6.38
C LEU E 100 7.69 -16.07 -5.78
N VAL E 101 8.09 -16.47 -4.58
CA VAL E 101 7.41 -17.57 -3.95
C VAL E 101 5.96 -17.20 -3.73
N ALA E 102 5.69 -16.00 -3.26
CA ALA E 102 4.33 -15.65 -3.04
C ALA E 102 3.58 -15.60 -4.35
N LEU E 103 4.24 -15.12 -5.40
CA LEU E 103 3.60 -15.05 -6.71
C LEU E 103 3.29 -16.45 -7.28
N PHE E 104 4.17 -17.40 -7.04
CA PHE E 104 3.92 -18.73 -7.52
C PHE E 104 2.74 -19.37 -6.75
N GLU E 105 2.49 -18.89 -5.55
CA GLU E 105 1.38 -19.39 -4.76
C GLU E 105 0.10 -19.01 -5.49
N ASP E 106 -0.05 -17.71 -5.75
CA ASP E 106 -1.24 -17.17 -6.43
C ASP E 106 -1.38 -17.75 -7.83
N THR E 107 -0.26 -17.95 -8.48
CA THR E 107 -0.22 -18.54 -9.81
C THR E 107 -0.82 -19.92 -9.73
N ASN E 108 -0.30 -20.71 -8.79
CA ASN E 108 -0.75 -22.07 -8.58
C ASN E 108 -2.25 -22.07 -8.37
N LEU E 109 -2.75 -21.01 -7.75
CA LEU E 109 -4.15 -20.95 -7.45
C LEU E 109 -4.86 -20.80 -8.75
N ALA E 110 -4.39 -19.86 -9.54
CA ALA E 110 -5.00 -19.58 -10.82
C ALA E 110 -5.09 -20.84 -11.68
N ALA E 111 -4.02 -21.60 -11.71
CA ALA E 111 -3.96 -22.83 -12.47
C ALA E 111 -5.00 -23.79 -11.96
N ILE E 112 -5.04 -23.95 -10.64
CA ILE E 112 -6.01 -24.84 -10.05
C ILE E 112 -7.45 -24.39 -10.32
N HIS E 113 -7.64 -23.09 -10.38
CA HIS E 113 -8.95 -22.52 -10.61
C HIS E 113 -9.42 -22.92 -11.97
N ALA E 114 -8.44 -23.11 -12.86
CA ALA E 114 -8.74 -23.47 -14.23
C ALA E 114 -8.75 -24.98 -14.36
N LYS E 115 -8.89 -25.65 -13.24
CA LYS E 115 -8.95 -27.10 -13.28
C LYS E 115 -7.66 -27.69 -13.85
N ARG E 116 -6.52 -27.10 -13.48
CA ARG E 116 -5.20 -27.60 -13.93
C ARG E 116 -4.21 -27.73 -12.78
N VAL E 117 -3.14 -28.50 -12.96
CA VAL E 117 -2.13 -28.57 -11.92
C VAL E 117 -0.78 -28.06 -12.46
N THR E 118 -0.77 -27.72 -13.74
CA THR E 118 0.44 -27.23 -14.41
C THR E 118 0.33 -25.71 -14.53
N ILE E 119 1.27 -24.95 -13.94
CA ILE E 119 1.19 -23.50 -14.04
C ILE E 119 1.66 -23.02 -15.39
N MET E 120 1.13 -21.87 -15.79
CA MET E 120 1.43 -21.35 -17.11
C MET E 120 1.46 -19.85 -17.11
N PRO E 121 2.00 -19.26 -18.19
CA PRO E 121 2.08 -17.81 -18.30
C PRO E 121 0.73 -17.09 -18.06
N LYS E 122 -0.32 -17.66 -18.61
CA LYS E 122 -1.64 -17.08 -18.44
C LYS E 122 -1.96 -17.09 -16.93
N ASP E 123 -1.38 -18.02 -16.17
CA ASP E 123 -1.65 -18.00 -14.72
C ASP E 123 -0.87 -16.87 -14.02
N ILE E 124 0.39 -16.71 -14.35
CA ILE E 124 1.11 -15.63 -13.72
C ILE E 124 0.47 -14.33 -14.13
N GLN E 125 0.00 -14.26 -15.37
CA GLN E 125 -0.59 -12.99 -15.78
C GLN E 125 -1.89 -12.65 -15.08
N LEU E 126 -2.69 -13.65 -14.72
CA LEU E 126 -3.95 -13.35 -14.03
C LEU E 126 -3.58 -12.92 -12.59
N ALA E 127 -2.60 -13.58 -12.03
CA ALA E 127 -2.18 -13.22 -10.69
C ALA E 127 -1.75 -11.76 -10.64
N ARG E 128 -0.81 -11.40 -11.50
CA ARG E 128 -0.27 -10.06 -11.52
C ARG E 128 -1.32 -9.03 -11.80
N ARG E 129 -2.24 -9.40 -12.67
CA ARG E 129 -3.31 -8.49 -13.02
C ARG E 129 -4.20 -8.19 -11.83
N ILE E 130 -4.77 -9.25 -11.24
CA ILE E 130 -5.68 -9.06 -10.12
C ILE E 130 -5.01 -8.35 -8.97
N ARG E 131 -3.70 -8.55 -8.85
CA ARG E 131 -2.90 -7.93 -7.81
C ARG E 131 -2.71 -6.46 -8.06
N GLY E 132 -2.98 -6.04 -9.28
CA GLY E 132 -2.80 -4.64 -9.60
C GLY E 132 -1.37 -4.28 -9.98
N GLU E 133 -0.61 -5.27 -10.46
CA GLU E 133 0.79 -5.08 -10.88
C GLU E 133 0.85 -4.73 -12.36
N ARG E 134 0.02 -5.40 -13.15
CA ARG E 134 -0.07 -5.19 -14.59
C ARG E 134 -1.16 -4.19 -14.89
N ALA E 135 -2.41 -4.62 -14.66
CA ALA E 135 -3.61 -3.81 -14.87
C ALA E 135 -4.57 -4.07 -13.69
N GLY F 12 53.90 -8.42 -15.35
CA GLY F 12 54.53 -9.52 -14.53
C GLY F 12 54.07 -9.53 -13.08
N LYS F 13 55.01 -9.31 -12.16
CA LYS F 13 54.69 -9.30 -10.73
C LYS F 13 54.63 -7.87 -10.16
N GLY F 14 53.54 -7.59 -9.45
CA GLY F 14 53.36 -6.27 -8.84
C GLY F 14 51.94 -5.76 -9.03
N GLY F 15 51.65 -5.24 -10.23
CA GLY F 15 50.32 -4.72 -10.52
C GLY F 15 50.00 -4.56 -12.01
N ALA F 16 49.20 -5.49 -12.54
CA ALA F 16 48.79 -5.44 -13.94
C ALA F 16 47.88 -4.21 -14.08
N LYS F 17 46.60 -4.40 -13.78
CA LYS F 17 45.63 -3.30 -13.79
C LYS F 17 44.20 -3.74 -13.56
N ARG F 18 43.75 -4.73 -14.33
CA ARG F 18 42.40 -5.24 -14.15
C ARG F 18 41.36 -4.30 -14.70
N ARG F 19 40.50 -4.83 -15.57
CA ARG F 19 39.49 -3.99 -16.20
C ARG F 19 38.10 -4.26 -15.69
N ARG F 20 37.26 -3.24 -15.64
CA ARG F 20 35.86 -3.42 -15.19
C ARG F 20 35.23 -4.54 -15.98
N LYS F 21 34.53 -5.44 -15.31
CA LYS F 21 33.88 -6.53 -16.02
C LYS F 21 32.69 -6.01 -16.81
N VAL F 22 32.43 -6.62 -17.95
CA VAL F 22 31.31 -6.17 -18.76
C VAL F 22 30.22 -7.23 -18.56
N LEU F 23 29.05 -6.77 -18.14
CA LEU F 23 27.94 -7.65 -17.81
C LEU F 23 26.83 -7.73 -18.85
N ARG F 24 26.57 -8.94 -19.30
CA ARG F 24 25.49 -9.11 -20.22
C ARG F 24 24.90 -10.51 -20.04
N ASP F 25 23.61 -10.60 -20.31
CA ASP F 25 22.83 -11.84 -20.23
C ASP F 25 22.69 -12.49 -18.83
N ASN F 26 22.94 -11.73 -17.78
CA ASN F 26 22.86 -12.29 -16.45
C ASN F 26 21.52 -12.75 -15.96
N ILE F 27 20.43 -12.31 -16.59
CA ILE F 27 19.13 -12.78 -16.20
C ILE F 27 19.14 -14.31 -16.42
N GLN F 28 20.05 -14.81 -17.22
CA GLN F 28 20.15 -16.24 -17.52
C GLN F 28 20.79 -17.05 -16.40
N GLY F 29 21.16 -16.36 -15.34
CA GLY F 29 21.76 -17.04 -14.20
C GLY F 29 20.62 -17.50 -13.31
N ILE F 30 19.43 -16.96 -13.56
CA ILE F 30 18.24 -17.36 -12.84
C ILE F 30 17.87 -18.62 -13.63
N THR F 31 18.51 -19.71 -13.26
CA THR F 31 18.29 -20.94 -13.97
C THR F 31 16.92 -21.57 -13.86
N LYS F 32 16.73 -22.60 -14.69
CA LYS F 32 15.50 -23.39 -14.77
C LYS F 32 15.29 -24.04 -13.39
N PRO F 33 16.31 -24.78 -12.87
CA PRO F 33 16.23 -25.44 -11.57
C PRO F 33 15.98 -24.50 -10.39
N ALA F 34 16.56 -23.30 -10.40
CA ALA F 34 16.31 -22.37 -9.30
C ALA F 34 14.85 -21.94 -9.38
N ILE F 35 14.44 -21.47 -10.54
CA ILE F 35 13.04 -21.12 -10.70
C ILE F 35 12.15 -22.30 -10.26
N ARG F 36 12.58 -23.52 -10.57
CA ARG F 36 11.78 -24.70 -10.22
C ARG F 36 11.71 -24.83 -8.70
N ARG F 37 12.82 -24.58 -8.02
CA ARG F 37 12.87 -24.65 -6.58
C ARG F 37 11.99 -23.55 -5.96
N LEU F 38 12.02 -22.35 -6.51
CA LEU F 38 11.18 -21.30 -5.94
C LEU F 38 9.75 -21.80 -6.06
N ALA F 39 9.36 -22.30 -7.24
CA ALA F 39 7.99 -22.79 -7.46
C ALA F 39 7.56 -23.89 -6.49
N ARG F 40 8.55 -24.65 -6.02
CA ARG F 40 8.26 -25.70 -5.05
C ARG F 40 7.95 -25.10 -3.69
N ARG F 41 8.73 -24.10 -3.26
CA ARG F 41 8.45 -23.47 -1.97
C ARG F 41 7.05 -22.83 -2.05
N GLY F 42 6.63 -22.47 -3.26
CA GLY F 42 5.28 -21.94 -3.47
C GLY F 42 4.23 -23.05 -3.63
N GLY F 43 4.65 -24.31 -3.54
CA GLY F 43 3.70 -25.42 -3.64
C GLY F 43 3.17 -25.71 -5.03
N VAL F 44 4.04 -25.56 -6.01
CA VAL F 44 3.65 -25.80 -7.38
C VAL F 44 4.11 -27.21 -7.77
N LYS F 45 3.18 -28.07 -8.19
CA LYS F 45 3.54 -29.44 -8.54
C LYS F 45 4.06 -29.59 -9.96
N ARG F 46 3.38 -28.98 -10.93
CA ARG F 46 3.76 -29.08 -12.32
C ARG F 46 4.00 -27.71 -12.99
N ILE F 47 5.14 -27.53 -13.66
CA ILE F 47 5.51 -26.25 -14.27
C ILE F 47 5.60 -26.24 -15.81
N SER F 48 4.79 -25.38 -16.44
CA SER F 48 4.82 -25.23 -17.90
C SER F 48 6.20 -24.80 -18.46
N GLY F 49 6.59 -25.33 -19.61
CA GLY F 49 7.88 -24.97 -20.20
C GLY F 49 8.13 -23.49 -20.50
N LEU F 50 7.05 -22.77 -20.74
CA LEU F 50 7.12 -21.35 -21.01
C LEU F 50 7.20 -20.48 -19.75
N ILE F 51 7.19 -21.13 -18.57
CA ILE F 51 7.21 -20.48 -17.25
C ILE F 51 8.58 -19.84 -16.91
N TYR F 52 9.65 -20.44 -17.39
CA TYR F 52 10.94 -19.89 -17.09
C TYR F 52 11.24 -18.52 -17.68
N GLU F 53 11.00 -18.29 -18.97
CA GLU F 53 11.32 -16.98 -19.46
C GLU F 53 10.32 -15.95 -18.85
N GLU F 54 9.08 -16.37 -18.55
CA GLU F 54 8.13 -15.44 -17.89
C GLU F 54 8.68 -14.97 -16.56
N THR F 55 9.14 -15.93 -15.78
CA THR F 55 9.64 -15.65 -14.45
C THR F 55 10.83 -14.72 -14.54
N ARG F 56 11.66 -14.97 -15.54
CA ARG F 56 12.84 -14.16 -15.76
C ARG F 56 12.39 -12.71 -15.98
N GLY F 57 11.31 -12.57 -16.74
CA GLY F 57 10.78 -11.27 -17.06
C GLY F 57 10.20 -10.52 -15.89
N VAL F 58 9.47 -11.24 -15.03
CA VAL F 58 8.80 -10.67 -13.86
C VAL F 58 9.83 -10.25 -12.80
N LEU F 59 10.85 -11.09 -12.64
CA LEU F 59 11.91 -10.75 -11.67
C LEU F 59 12.69 -9.52 -12.11
N LYS F 60 12.95 -9.42 -13.42
CA LYS F 60 13.70 -8.30 -13.98
C LYS F 60 12.94 -7.02 -13.69
N VAL F 61 11.64 -7.07 -13.91
CA VAL F 61 10.81 -5.92 -13.68
C VAL F 61 10.84 -5.66 -12.19
N PHE F 62 10.67 -6.70 -11.38
CA PHE F 62 10.68 -6.47 -9.97
C PHE F 62 12.00 -5.82 -9.53
N LEU F 63 13.14 -6.43 -9.89
CA LEU F 63 14.45 -5.87 -9.50
C LEU F 63 14.66 -4.45 -9.95
N GLU F 64 14.18 -4.15 -11.14
CA GLU F 64 14.38 -2.85 -11.69
C GLU F 64 13.69 -1.79 -10.85
N ASN F 65 12.43 -2.02 -10.51
CA ASN F 65 11.69 -1.05 -9.69
C ASN F 65 12.38 -0.81 -8.31
N VAL F 66 12.85 -1.88 -7.68
CA VAL F 66 13.48 -1.73 -6.37
C VAL F 66 14.78 -1.02 -6.49
N ILE F 67 15.58 -1.53 -7.39
CA ILE F 67 16.88 -0.97 -7.63
C ILE F 67 16.79 0.51 -8.00
N ARG F 68 15.91 0.86 -8.93
CA ARG F 68 15.76 2.24 -9.30
C ARG F 68 15.61 3.06 -8.04
N ASP F 69 14.56 2.77 -7.25
CA ASP F 69 14.30 3.51 -5.99
C ASP F 69 15.48 3.54 -5.05
N ALA F 70 16.15 2.41 -4.84
CA ALA F 70 17.29 2.41 -3.92
C ALA F 70 18.38 3.31 -4.43
N VAL F 71 18.72 3.19 -5.70
CA VAL F 71 19.77 4.01 -6.29
C VAL F 71 19.36 5.48 -6.05
N THR F 72 18.07 5.77 -6.21
CA THR F 72 17.63 7.12 -5.96
C THR F 72 17.97 7.53 -4.50
N TYR F 73 17.74 6.69 -3.51
CA TYR F 73 18.06 7.04 -2.12
C TYR F 73 19.58 7.18 -1.97
N THR F 74 20.32 6.43 -2.78
CA THR F 74 21.76 6.46 -2.70
C THR F 74 22.26 7.77 -3.24
N GLU F 75 21.78 8.17 -4.42
CA GLU F 75 22.19 9.42 -5.03
C GLU F 75 21.84 10.58 -4.10
N HIS F 76 20.57 10.67 -3.73
CA HIS F 76 20.14 11.79 -2.89
C HIS F 76 21.05 12.08 -1.71
N ALA F 77 21.73 11.04 -1.25
CA ALA F 77 22.58 11.20 -0.09
C ALA F 77 23.99 11.45 -0.51
N LYS F 78 24.17 11.68 -1.80
CA LYS F 78 25.51 11.93 -2.30
C LYS F 78 26.52 10.78 -2.05
N ARG F 79 26.07 9.53 -2.21
CA ARG F 79 26.96 8.38 -2.02
C ARG F 79 27.05 7.68 -3.33
N LYS F 80 27.99 6.76 -3.44
CA LYS F 80 28.20 6.06 -4.70
C LYS F 80 28.10 4.60 -4.40
N THR F 81 27.85 4.35 -3.14
CA THR F 81 27.66 3.00 -2.69
C THR F 81 26.27 2.74 -2.10
N VAL F 82 25.59 1.75 -2.68
CA VAL F 82 24.26 1.33 -2.28
C VAL F 82 24.33 0.50 -1.00
N THR F 83 23.54 0.89 0.02
CA THR F 83 23.51 0.19 1.32
C THR F 83 22.25 -0.61 1.52
N ALA F 84 22.28 -1.52 2.49
CA ALA F 84 21.07 -2.31 2.72
C ALA F 84 19.90 -1.43 3.08
N MET F 85 20.17 -0.35 3.82
CA MET F 85 19.09 0.55 4.21
C MET F 85 18.42 1.16 3.00
N ASP F 86 19.19 1.49 1.98
CA ASP F 86 18.63 2.09 0.79
C ASP F 86 17.71 1.09 0.19
N VAL F 87 18.12 -0.18 0.27
CA VAL F 87 17.28 -1.25 -0.28
C VAL F 87 16.05 -1.39 0.61
N VAL F 88 16.30 -1.26 1.91
CA VAL F 88 15.21 -1.37 2.84
C VAL F 88 14.16 -0.27 2.66
N TYR F 89 14.58 0.96 2.43
CA TYR F 89 13.59 2.02 2.25
C TYR F 89 12.89 1.89 0.91
N ALA F 90 13.59 1.35 -0.08
CA ALA F 90 12.97 1.24 -1.39
C ALA F 90 11.87 0.19 -1.29
N LEU F 91 12.19 -0.92 -0.61
CA LEU F 91 11.21 -1.99 -0.40
C LEU F 91 10.04 -1.46 0.41
N LYS F 92 10.35 -0.75 1.50
CA LYS F 92 9.25 -0.19 2.27
C LYS F 92 8.36 0.77 1.47
N ARG F 93 8.92 1.59 0.59
CA ARG F 93 8.02 2.48 -0.12
C ARG F 93 7.24 1.81 -1.21
N GLN F 94 7.59 0.58 -1.53
CA GLN F 94 6.84 -0.18 -2.50
C GLN F 94 5.83 -1.14 -1.80
N GLY F 95 5.72 -1.02 -0.47
CA GLY F 95 4.79 -1.86 0.29
C GLY F 95 5.24 -3.30 0.41
N ARG F 96 6.55 -3.51 0.45
CA ARG F 96 7.09 -4.82 0.61
C ARG F 96 8.19 -4.72 1.66
N THR F 97 7.80 -4.17 2.81
CA THR F 97 8.64 -4.00 3.97
C THR F 97 9.41 -5.25 4.27
N LEU F 98 10.69 -5.09 4.56
CA LEU F 98 11.54 -6.20 4.86
C LEU F 98 12.21 -6.06 6.23
N TYR F 99 12.21 -7.17 6.98
CA TYR F 99 12.82 -7.23 8.30
C TYR F 99 14.13 -8.00 8.29
N GLY F 100 15.14 -7.51 9.01
CA GLY F 100 16.38 -8.29 9.08
C GLY F 100 17.64 -7.64 8.60
N PHE F 101 17.55 -6.40 8.11
CA PHE F 101 18.73 -5.72 7.61
C PHE F 101 18.80 -4.28 8.05
N GLY F 102 18.24 -4.02 9.22
CA GLY F 102 18.22 -2.67 9.77
C GLY F 102 16.90 -2.00 9.44
N GLY F 103 16.68 -0.78 9.87
CA GLY F 103 15.41 -0.14 9.52
C GLY F 103 14.34 -0.11 10.61
N LYS G 9 8.15 56.28 5.68
CA LYS G 9 7.93 55.34 4.53
C LYS G 9 8.45 53.92 4.81
N THR G 10 7.54 53.01 5.15
CA THR G 10 7.92 51.63 5.42
C THR G 10 8.24 50.89 4.12
N ARG G 11 8.83 51.61 3.18
CA ARG G 11 9.22 51.08 1.86
C ARG G 11 8.15 50.40 1.02
N ALA G 12 8.30 50.56 -0.30
CA ALA G 12 7.38 50.01 -1.29
C ALA G 12 7.19 48.49 -1.18
N LYS G 13 6.00 48.09 -0.80
CA LYS G 13 5.71 46.68 -0.66
C LYS G 13 5.02 46.13 -1.91
N ALA G 14 4.97 44.80 -1.97
CA ALA G 14 4.35 44.01 -3.04
C ALA G 14 5.18 42.76 -3.30
N LYS G 15 5.03 42.20 -4.50
CA LYS G 15 5.77 41.01 -4.90
C LYS G 15 5.51 39.75 -4.06
N THR G 16 4.65 38.88 -4.58
CA THR G 16 4.32 37.62 -3.93
C THR G 16 5.36 36.66 -4.50
N ARG G 17 5.87 35.75 -3.66
CA ARG G 17 6.87 34.75 -4.05
C ARG G 17 6.37 33.97 -5.27
N SER G 18 5.04 33.89 -5.41
CA SER G 18 4.43 33.18 -6.53
C SER G 18 4.71 33.87 -7.83
N SER G 19 4.87 35.19 -7.73
CA SER G 19 5.15 36.00 -8.89
C SER G 19 6.65 35.97 -9.22
N ARG G 20 7.47 36.17 -8.20
CA ARG G 20 8.91 36.11 -8.40
C ARG G 20 9.25 34.74 -8.97
N ALA G 21 8.20 33.90 -9.07
CA ALA G 21 8.29 32.52 -9.55
C ALA G 21 7.51 32.33 -10.86
N GLY G 22 6.56 33.20 -11.12
CA GLY G 22 5.82 33.01 -12.35
C GLY G 22 5.02 31.75 -12.18
N LEU G 23 4.47 31.59 -10.98
CA LEU G 23 3.68 30.42 -10.60
C LEU G 23 2.27 30.79 -10.24
N GLN G 24 1.30 30.06 -10.81
CA GLN G 24 -0.13 30.29 -10.52
C GLN G 24 -0.61 29.76 -9.15
N PHE G 25 0.23 29.00 -8.45
CA PHE G 25 -0.11 28.45 -7.15
C PHE G 25 0.64 29.23 -6.05
N PRO G 26 0.04 29.28 -4.85
CA PRO G 26 0.48 29.94 -3.61
C PRO G 26 1.78 29.52 -2.92
N VAL G 27 2.90 30.00 -3.41
CA VAL G 27 4.15 29.64 -2.80
C VAL G 27 4.17 29.85 -1.29
N GLY G 28 3.56 30.92 -0.81
CA GLY G 28 3.60 31.20 0.63
C GLY G 28 2.69 30.37 1.51
N ARG G 29 1.60 29.89 0.94
CA ARG G 29 0.65 29.08 1.68
C ARG G 29 1.31 27.75 1.86
N VAL G 30 1.94 27.32 0.78
CA VAL G 30 2.64 26.07 0.73
C VAL G 30 3.81 26.02 1.71
N HIS G 31 4.57 27.10 1.80
CA HIS G 31 5.68 27.12 2.72
C HIS G 31 5.06 27.11 4.14
N ARG G 32 3.84 27.61 4.23
CA ARG G 32 3.18 27.69 5.51
C ARG G 32 2.79 26.27 5.92
N LEU G 33 2.03 25.61 5.04
CA LEU G 33 1.62 24.23 5.27
C LEU G 33 2.83 23.30 5.60
N LEU G 34 3.92 23.43 4.86
CA LEU G 34 5.12 22.61 5.13
C LEU G 34 5.63 22.80 6.54
N ARG G 35 5.75 24.06 6.96
CA ARG G 35 6.22 24.39 8.30
C ARG G 35 5.30 23.92 9.41
N LYS G 36 4.00 23.82 9.11
CA LYS G 36 3.01 23.41 10.12
C LYS G 36 2.51 21.98 10.05
N GLY G 37 3.06 21.20 9.13
CA GLY G 37 2.65 19.81 8.97
C GLY G 37 3.63 18.84 9.60
N ASN G 38 4.46 19.33 10.53
CA ASN G 38 5.44 18.49 11.23
C ASN G 38 6.29 17.63 10.29
N TYR G 39 6.38 18.03 9.03
CA TYR G 39 7.17 17.31 8.06
C TYR G 39 8.67 17.34 8.39
N ALA G 40 9.14 18.46 8.95
CA ALA G 40 10.55 18.62 9.33
C ALA G 40 10.67 19.87 10.16
N GLU G 41 11.69 19.90 11.01
CA GLU G 41 11.97 21.06 11.84
C GLU G 41 11.93 22.36 10.99
N ARG G 42 12.82 22.44 10.01
CA ARG G 42 12.90 23.61 9.13
C ARG G 42 12.66 23.28 7.66
N VAL G 43 11.96 24.18 6.97
CA VAL G 43 11.66 24.07 5.56
C VAL G 43 12.39 25.19 4.78
N GLY G 44 13.12 24.80 3.74
CA GLY G 44 13.85 25.75 2.92
C GLY G 44 13.05 26.68 2.01
N ALA G 45 13.77 27.65 1.45
CA ALA G 45 13.19 28.65 0.58
C ALA G 45 12.74 28.07 -0.73
N GLY G 46 13.63 27.26 -1.32
CA GLY G 46 13.33 26.66 -2.61
C GLY G 46 12.13 25.71 -2.56
N ALA G 47 12.14 24.89 -1.51
CA ALA G 47 11.13 23.89 -1.26
C ALA G 47 9.68 24.24 -1.67
N PRO G 48 9.16 25.37 -1.14
CA PRO G 48 7.78 25.67 -1.54
C PRO G 48 7.61 26.09 -2.97
N VAL G 49 8.63 26.76 -3.49
CA VAL G 49 8.55 27.19 -4.88
C VAL G 49 8.49 25.92 -5.73
N TYR G 50 9.33 24.94 -5.35
CA TYR G 50 9.39 23.68 -6.09
C TYR G 50 8.11 22.89 -5.99
N LEU G 51 7.60 22.81 -4.77
CA LEU G 51 6.39 22.05 -4.60
C LEU G 51 5.21 22.66 -5.35
N ALA G 52 5.04 23.98 -5.23
CA ALA G 52 3.95 24.68 -5.90
C ALA G 52 4.04 24.46 -7.40
N ALA G 53 5.27 24.46 -7.90
CA ALA G 53 5.51 24.26 -9.31
C ALA G 53 5.02 22.88 -9.73
N VAL G 54 5.46 21.84 -9.02
CA VAL G 54 5.04 20.46 -9.33
C VAL G 54 3.52 20.30 -9.27
N LEU G 55 2.91 20.91 -8.26
CA LEU G 55 1.46 20.88 -8.03
C LEU G 55 0.68 21.56 -9.14
N GLU G 56 1.16 22.73 -9.55
CA GLU G 56 0.52 23.47 -10.63
C GLU G 56 0.58 22.62 -11.89
N TYR G 57 1.78 22.07 -12.15
CA TYR G 57 2.02 21.23 -13.31
C TYR G 57 1.08 20.02 -13.41
N LEU G 58 0.91 19.27 -12.31
CA LEU G 58 0.06 18.09 -12.35
C LEU G 58 -1.39 18.50 -12.51
N THR G 59 -1.76 19.57 -11.84
CA THR G 59 -3.11 20.11 -11.97
C THR G 59 -3.36 20.34 -13.49
N ALA G 60 -2.40 21.04 -14.10
CA ALA G 60 -2.44 21.38 -15.52
C ALA G 60 -2.62 20.19 -16.42
N GLU G 61 -1.85 19.14 -16.16
CA GLU G 61 -1.91 17.94 -16.96
C GLU G 61 -3.32 17.32 -16.92
N ILE G 62 -3.89 17.25 -15.73
CA ILE G 62 -5.23 16.67 -15.59
C ILE G 62 -6.21 17.53 -16.32
N LEU G 63 -6.31 18.78 -15.89
CA LEU G 63 -7.21 19.76 -16.52
C LEU G 63 -7.10 19.70 -18.05
N GLU G 64 -5.87 19.85 -18.53
CA GLU G 64 -5.62 19.77 -19.97
C GLU G 64 -6.42 18.58 -20.49
N LEU G 65 -6.06 17.36 -20.08
CA LEU G 65 -6.76 16.18 -20.57
C LEU G 65 -8.20 16.16 -20.17
N ALA G 66 -8.51 16.90 -19.10
CA ALA G 66 -9.86 16.98 -18.58
C ALA G 66 -10.71 17.92 -19.41
N GLY G 67 -10.05 18.87 -20.08
CA GLY G 67 -10.77 19.76 -20.95
C GLY G 67 -11.14 19.03 -22.24
N ASN G 68 -10.14 18.44 -22.88
CA ASN G 68 -10.34 17.70 -24.11
C ASN G 68 -11.35 16.63 -23.84
N ALA G 69 -11.76 16.56 -22.58
CA ALA G 69 -12.73 15.59 -22.12
C ALA G 69 -14.10 16.04 -22.62
N ALA G 70 -14.44 17.30 -22.37
CA ALA G 70 -15.69 17.87 -22.85
C ALA G 70 -15.38 18.54 -24.19
N ARG G 71 -15.19 17.71 -25.21
CA ARG G 71 -14.85 18.19 -26.53
C ARG G 71 -14.92 16.98 -27.41
N ASP G 72 -14.34 15.88 -26.94
CA ASP G 72 -14.36 14.64 -27.68
C ASP G 72 -15.66 13.94 -27.28
N ASN G 73 -16.40 14.60 -26.40
CA ASN G 73 -17.65 14.07 -25.90
C ASN G 73 -18.64 15.21 -25.72
N LYS G 74 -18.30 16.38 -26.25
CA LYS G 74 -19.15 17.55 -26.17
C LYS G 74 -19.47 17.95 -24.74
N LYS G 75 -19.56 19.26 -24.52
CA LYS G 75 -19.86 19.91 -23.24
C LYS G 75 -18.75 20.92 -22.94
N THR G 76 -19.04 21.88 -22.10
CA THR G 76 -18.04 22.90 -21.80
C THR G 76 -17.74 23.05 -20.32
N ARG G 77 -18.31 22.17 -19.51
CA ARG G 77 -18.07 22.19 -18.08
C ARG G 77 -17.45 20.87 -17.63
N ILE G 78 -16.37 20.96 -16.86
CA ILE G 78 -15.67 19.78 -16.37
C ILE G 78 -16.33 19.12 -15.17
N ILE G 79 -17.00 17.99 -15.39
CA ILE G 79 -17.60 17.24 -14.29
C ILE G 79 -16.72 16.05 -13.94
N PRO G 80 -16.91 15.48 -12.74
CA PRO G 80 -16.13 14.33 -12.30
C PRO G 80 -15.84 13.34 -13.40
N ARG G 81 -16.89 12.95 -14.13
CA ARG G 81 -16.74 11.98 -15.18
C ARG G 81 -15.65 12.28 -16.19
N HIS G 82 -15.38 13.55 -16.45
CA HIS G 82 -14.34 13.89 -17.42
C HIS G 82 -13.01 13.56 -16.78
N LEU G 83 -12.80 14.10 -15.58
CA LEU G 83 -11.59 13.84 -14.83
C LEU G 83 -11.27 12.33 -14.86
N GLN G 84 -12.29 11.52 -14.66
CA GLN G 84 -12.07 10.09 -14.67
C GLN G 84 -11.66 9.58 -16.03
N LEU G 85 -12.37 9.98 -17.07
CA LEU G 85 -11.99 9.50 -18.40
C LEU G 85 -10.55 9.94 -18.65
N ALA G 86 -10.24 11.17 -18.25
CA ALA G 86 -8.92 11.72 -18.45
C ALA G 86 -7.85 10.85 -17.80
N VAL G 87 -7.96 10.68 -16.48
CA VAL G 87 -7.00 9.90 -15.75
C VAL G 87 -6.83 8.46 -16.20
N ARG G 88 -7.92 7.72 -16.26
CA ARG G 88 -7.84 6.31 -16.66
C ARG G 88 -7.42 6.09 -18.09
N ASN G 89 -7.45 7.13 -18.90
CA ASN G 89 -7.03 6.96 -20.26
C ASN G 89 -5.53 7.21 -20.41
N ASP G 90 -4.97 7.98 -19.50
CA ASP G 90 -3.54 8.21 -19.51
C ASP G 90 -2.79 7.31 -18.53
N GLU G 91 -2.04 6.35 -19.08
CA GLU G 91 -1.22 5.42 -18.35
C GLU G 91 -0.56 5.95 -17.09
N GLU G 92 0.18 7.05 -17.27
CA GLU G 92 0.92 7.71 -16.19
C GLU G 92 0.08 8.28 -15.05
N LEU G 93 -0.95 9.08 -15.33
CA LEU G 93 -1.77 9.58 -14.23
C LEU G 93 -2.45 8.36 -13.58
N ASN G 94 -3.00 7.46 -14.42
CA ASN G 94 -3.67 6.24 -13.97
C ASN G 94 -2.87 5.48 -12.89
N LYS G 95 -1.56 5.39 -13.09
CA LYS G 95 -0.72 4.73 -12.11
C LYS G 95 -0.67 5.62 -10.88
N LEU G 96 -0.27 6.88 -11.05
CA LEU G 96 -0.19 7.82 -9.92
C LEU G 96 -1.45 7.82 -9.06
N LEU G 97 -2.59 7.51 -9.67
CA LEU G 97 -3.84 7.49 -8.95
C LEU G 97 -4.50 6.12 -9.09
N GLY G 98 -3.70 5.07 -9.06
CA GLY G 98 -4.21 3.72 -9.18
C GLY G 98 -4.87 3.14 -7.94
N ARG G 99 -4.81 3.88 -6.85
CA ARG G 99 -5.43 3.45 -5.61
C ARG G 99 -6.35 4.57 -5.15
N VAL G 100 -6.88 5.34 -6.09
CA VAL G 100 -7.77 6.45 -5.74
C VAL G 100 -9.04 6.27 -6.51
N THR G 101 -10.15 6.64 -5.86
CA THR G 101 -11.47 6.52 -6.46
C THR G 101 -12.24 7.85 -6.52
N ILE G 102 -12.33 8.39 -7.73
CA ILE G 102 -12.99 9.67 -8.03
C ILE G 102 -14.49 9.52 -7.97
N ALA G 103 -15.10 10.17 -6.99
CA ALA G 103 -16.55 10.08 -6.82
C ALA G 103 -17.31 10.50 -8.08
N GLN G 104 -18.32 9.71 -8.41
CA GLN G 104 -19.17 9.99 -9.54
C GLN G 104 -18.38 10.07 -10.82
N GLY G 105 -17.41 9.17 -10.96
CA GLY G 105 -16.61 9.14 -12.16
C GLY G 105 -16.92 7.95 -13.04
N GLY G 106 -17.63 6.96 -12.48
CA GLY G 106 -17.95 5.76 -13.24
C GLY G 106 -16.68 5.00 -13.61
N VAL G 107 -16.79 4.16 -14.63
CA VAL G 107 -15.65 3.40 -15.07
C VAL G 107 -15.33 3.70 -16.51
N LEU G 108 -14.62 2.80 -17.17
CA LEU G 108 -14.29 3.05 -18.57
C LEU G 108 -15.01 2.03 -19.43
N PRO G 109 -15.38 2.43 -20.63
CA PRO G 109 -16.08 1.43 -21.43
C PRO G 109 -15.18 0.30 -21.91
N ASN G 110 -15.31 -0.87 -21.30
CA ASN G 110 -14.51 -2.01 -21.71
C ASN G 110 -15.40 -3.25 -21.68
N ILE G 111 -15.22 -4.13 -22.66
CA ILE G 111 -16.04 -5.34 -22.71
C ILE G 111 -15.28 -6.51 -23.32
N GLN G 112 -14.81 -7.38 -22.43
CA GLN G 112 -14.06 -8.57 -22.83
C GLN G 112 -14.54 -9.14 -24.13
N SER G 113 -13.64 -9.14 -25.10
CA SER G 113 -13.92 -9.64 -26.43
C SER G 113 -14.10 -11.16 -26.50
N VAL G 114 -14.79 -11.73 -25.52
CA VAL G 114 -15.00 -13.15 -25.54
C VAL G 114 -16.41 -13.39 -25.05
N LEU G 115 -17.02 -12.29 -24.63
CA LEU G 115 -18.38 -12.32 -24.14
C LEU G 115 -19.32 -11.90 -25.27
N LEU G 116 -18.83 -11.00 -26.12
CA LEU G 116 -19.61 -10.51 -27.24
C LEU G 116 -19.48 -11.45 -28.45
N PRO G 117 -20.60 -11.87 -29.02
CA PRO G 117 -20.63 -12.78 -30.18
C PRO G 117 -20.35 -12.06 -31.49
N LYS G 118 -20.55 -12.77 -32.60
CA LYS G 118 -20.34 -12.26 -33.95
C LYS G 118 -20.01 -13.45 -34.84
N LYS G 119 -20.11 -14.64 -34.26
CA LYS G 119 -19.83 -15.91 -34.94
C LYS G 119 -20.43 -16.02 -36.35
N THR G 120 -19.86 -15.30 -37.30
CA THR G 120 -20.32 -15.32 -38.71
C THR G 120 -19.18 -14.86 -39.62
N GLU G 121 -18.74 -13.62 -39.45
CA GLU G 121 -17.66 -13.07 -40.25
C GLU G 121 -17.35 -11.63 -39.82
N SER G 122 -17.75 -10.66 -40.66
CA SER G 122 -17.52 -9.23 -40.43
C SER G 122 -16.12 -8.83 -40.91
N SER G 123 -15.11 -9.13 -40.09
CA SER G 123 -13.72 -8.81 -40.41
C SER G 123 -12.79 -9.61 -39.48
N LYS G 124 -12.92 -10.94 -39.52
CA LYS G 124 -12.14 -11.88 -38.69
C LYS G 124 -10.74 -11.36 -38.39
N SER G 125 -10.60 -10.70 -37.25
CA SER G 125 -9.32 -10.13 -36.82
C SER G 125 -8.77 -10.80 -35.55
N ALA G 126 -7.49 -11.18 -35.60
CA ALA G 126 -6.82 -11.82 -34.47
C ALA G 126 -5.30 -11.73 -34.68
N LYS G 127 -4.89 -10.89 -35.64
CA LYS G 127 -3.47 -10.71 -35.95
C LYS G 127 -3.01 -9.25 -35.81
N SER G 128 -3.43 -8.60 -34.72
CA SER G 128 -3.07 -7.21 -34.43
C SER G 128 -2.72 -7.06 -32.94
N LYS G 129 -3.71 -7.26 -32.08
CA LYS G 129 -3.52 -7.16 -30.63
C LYS G 129 -3.53 -8.55 -29.99
N ARG H 26 -22.68 34.93 13.18
CA ARG H 26 -21.30 35.18 12.67
C ARG H 26 -21.06 34.54 11.30
N ARG H 27 -19.80 34.21 11.03
CA ARG H 27 -19.41 33.60 9.76
C ARG H 27 -18.38 32.49 9.90
N LYS H 28 -18.58 31.41 9.14
CA LYS H 28 -17.70 30.24 9.17
C LYS H 28 -16.23 30.65 9.14
N THR H 29 -15.37 29.89 9.82
CA THR H 29 -13.94 30.20 9.89
C THR H 29 -13.24 30.16 8.53
N ARG H 30 -14.06 30.13 7.47
CA ARG H 30 -13.56 30.11 6.11
C ARG H 30 -12.65 28.95 5.86
N LYS H 31 -13.05 28.10 4.94
CA LYS H 31 -12.25 26.96 4.60
C LYS H 31 -11.29 27.34 3.44
N GLU H 32 -9.98 27.25 3.69
CA GLU H 32 -9.01 27.52 2.63
C GLU H 32 -9.10 26.33 1.68
N SER H 33 -8.93 26.62 0.40
CA SER H 33 -9.00 25.63 -0.64
C SER H 33 -7.97 26.04 -1.68
N TYR H 34 -7.88 25.27 -2.75
CA TYR H 34 -6.93 25.55 -3.82
C TYR H 34 -7.78 25.96 -5.01
N ALA H 35 -9.10 26.03 -4.80
CA ALA H 35 -10.06 26.39 -5.86
C ALA H 35 -9.70 27.61 -6.71
N ILE H 36 -9.17 28.67 -6.10
CA ILE H 36 -8.84 29.84 -6.90
C ILE H 36 -7.70 29.55 -7.88
N TYR H 37 -6.63 28.92 -7.38
CA TYR H 37 -5.48 28.57 -8.21
C TYR H 37 -5.83 27.50 -9.27
N VAL H 38 -6.65 26.53 -8.90
CA VAL H 38 -7.01 25.52 -9.89
C VAL H 38 -7.72 26.22 -11.05
N TYR H 39 -8.79 26.95 -10.71
CA TYR H 39 -9.58 27.66 -11.70
C TYR H 39 -8.71 28.51 -12.63
N LYS H 40 -7.81 29.28 -12.01
CA LYS H 40 -6.85 30.12 -12.73
C LYS H 40 -6.18 29.25 -13.80
N VAL H 41 -5.43 28.26 -13.34
CA VAL H 41 -4.74 27.34 -14.22
C VAL H 41 -5.72 26.80 -15.27
N LEU H 42 -6.89 26.37 -14.83
CA LEU H 42 -7.86 25.80 -15.76
C LEU H 42 -7.84 26.60 -17.04
N LYS H 43 -7.88 27.92 -16.89
CA LYS H 43 -7.88 28.87 -17.99
C LYS H 43 -6.66 28.80 -18.89
N GLN H 44 -5.48 29.06 -18.34
CA GLN H 44 -4.25 29.00 -19.14
C GLN H 44 -4.21 27.79 -20.06
N VAL H 45 -5.16 26.87 -19.90
CA VAL H 45 -5.21 25.65 -20.69
C VAL H 45 -6.57 25.40 -21.35
N HIS H 46 -7.58 26.10 -20.86
CA HIS H 46 -8.93 25.98 -21.42
C HIS H 46 -9.85 27.10 -20.98
N PRO H 47 -9.69 28.32 -21.53
CA PRO H 47 -10.59 29.41 -21.13
C PRO H 47 -11.99 29.07 -21.64
N ASP H 48 -12.02 28.28 -22.72
CA ASP H 48 -13.25 27.81 -23.35
C ASP H 48 -13.94 26.72 -22.53
N THR H 49 -13.45 26.46 -21.32
CA THR H 49 -14.04 25.42 -20.46
C THR H 49 -14.27 25.85 -19.01
N GLY H 50 -15.41 25.41 -18.47
CA GLY H 50 -15.81 25.70 -17.09
C GLY H 50 -15.75 24.46 -16.21
N ILE H 51 -15.53 24.62 -14.91
CA ILE H 51 -15.42 23.46 -14.02
C ILE H 51 -16.56 23.24 -12.99
N SER H 52 -17.13 22.03 -13.00
CA SER H 52 -18.22 21.65 -12.09
C SER H 52 -17.95 22.01 -10.63
N SER H 53 -18.92 21.75 -9.76
CA SER H 53 -18.78 22.07 -8.34
C SER H 53 -18.13 20.90 -7.61
N LYS H 54 -18.65 19.69 -7.85
CA LYS H 54 -18.06 18.53 -7.21
C LYS H 54 -16.66 18.34 -7.85
N ALA H 55 -16.61 18.41 -9.18
CA ALA H 55 -15.35 18.24 -9.92
C ALA H 55 -14.21 19.14 -9.41
N MET H 56 -14.54 20.31 -8.88
CA MET H 56 -13.51 21.19 -8.35
C MET H 56 -13.06 20.74 -6.98
N SER H 57 -13.90 20.04 -6.22
CA SER H 57 -13.43 19.60 -4.90
C SER H 57 -12.44 18.47 -5.18
N ILE H 58 -12.84 17.61 -6.12
CA ILE H 58 -11.98 16.53 -6.53
C ILE H 58 -10.57 17.09 -6.75
N MET H 59 -10.41 18.03 -7.69
CA MET H 59 -9.09 18.65 -7.94
C MET H 59 -8.48 19.13 -6.65
N ASN H 60 -9.29 19.67 -5.75
CA ASN H 60 -8.80 20.15 -4.48
C ASN H 60 -8.22 18.98 -3.71
N SER H 61 -8.95 17.88 -3.72
CA SER H 61 -8.50 16.64 -3.05
C SER H 61 -7.11 16.26 -3.63
N PHE H 62 -7.09 16.04 -4.95
CA PHE H 62 -5.88 15.68 -5.70
C PHE H 62 -4.66 16.47 -5.27
N VAL H 63 -4.78 17.78 -5.22
CA VAL H 63 -3.64 18.59 -4.85
C VAL H 63 -3.19 18.31 -3.41
N ASN H 64 -4.14 18.16 -2.48
CA ASN H 64 -3.76 17.88 -1.09
C ASN H 64 -3.02 16.55 -0.98
N ASP H 65 -3.55 15.55 -1.68
CA ASP H 65 -2.98 14.23 -1.70
C ASP H 65 -1.52 14.38 -2.13
N VAL H 66 -1.34 14.74 -3.39
CA VAL H 66 -0.01 14.92 -3.96
C VAL H 66 0.86 15.67 -2.99
N PHE H 67 0.31 16.73 -2.41
CA PHE H 67 1.06 17.54 -1.47
C PHE H 67 1.62 16.74 -0.29
N GLU H 68 0.75 15.94 0.35
CA GLU H 68 1.17 15.16 1.51
C GLU H 68 2.11 14.02 1.10
N ARG H 69 1.79 13.35 0.00
CA ARG H 69 2.69 12.28 -0.43
C ARG H 69 4.11 12.85 -0.58
N ILE H 70 4.25 13.93 -1.35
CA ILE H 70 5.56 14.55 -1.54
C ILE H 70 6.20 15.09 -0.25
N ALA H 71 5.41 15.77 0.54
CA ALA H 71 5.94 16.29 1.78
C ALA H 71 6.36 15.10 2.66
N GLY H 72 5.53 14.05 2.67
CA GLY H 72 5.82 12.88 3.48
C GLY H 72 7.14 12.22 3.12
N GLU H 73 7.32 11.96 1.83
CA GLU H 73 8.54 11.33 1.38
C GLU H 73 9.71 12.23 1.68
N ALA H 74 9.50 13.52 1.44
CA ALA H 74 10.52 14.52 1.69
C ALA H 74 10.91 14.53 3.18
N SER H 75 9.91 14.26 4.02
CA SER H 75 10.12 14.23 5.47
C SER H 75 11.04 13.06 5.77
N ARG H 76 10.67 11.92 5.21
CA ARG H 76 11.47 10.75 5.41
C ARG H 76 12.88 10.89 4.83
N LEU H 77 12.99 11.37 3.59
CA LEU H 77 14.31 11.60 2.99
C LEU H 77 15.17 12.36 4.00
N ALA H 78 14.61 13.47 4.51
CA ALA H 78 15.31 14.28 5.49
C ALA H 78 15.76 13.45 6.70
N HIS H 79 14.83 12.74 7.35
CA HIS H 79 15.24 11.92 8.48
C HIS H 79 16.28 10.85 8.12
N TYR H 80 16.11 10.12 7.03
CA TYR H 80 17.11 9.08 6.67
C TYR H 80 18.53 9.63 6.60
N ASN H 81 18.69 10.83 6.06
CA ASN H 81 20.03 11.40 6.05
C ASN H 81 20.28 12.34 7.23
N LYS H 82 19.53 12.13 8.31
CA LYS H 82 19.67 12.90 9.53
C LYS H 82 19.84 14.41 9.32
N ARG H 83 18.88 15.03 8.63
CA ARG H 83 18.86 16.46 8.34
C ARG H 83 17.60 17.02 8.89
N SER H 84 17.63 18.28 9.30
CA SER H 84 16.46 18.91 9.88
C SER H 84 15.74 19.85 8.95
N THR H 85 16.11 19.84 7.68
CA THR H 85 15.50 20.75 6.72
C THR H 85 14.97 20.06 5.49
N ILE H 86 13.79 20.43 5.05
CA ILE H 86 13.21 19.87 3.84
C ILE H 86 13.54 20.84 2.71
N THR H 87 14.62 20.58 1.99
CA THR H 87 15.00 21.50 0.91
C THR H 87 14.45 21.11 -0.44
N SER H 88 14.77 21.94 -1.40
CA SER H 88 14.29 21.74 -2.73
C SER H 88 14.83 20.41 -3.23
N ARG H 89 15.98 20.01 -2.70
CA ARG H 89 16.60 18.76 -3.11
C ARG H 89 15.65 17.62 -2.69
N GLU H 90 15.23 17.65 -1.42
CA GLU H 90 14.30 16.65 -0.89
C GLU H 90 13.01 16.63 -1.70
N ILE H 91 12.48 17.77 -2.08
CA ILE H 91 11.26 17.71 -2.88
C ILE H 91 11.51 17.05 -4.24
N GLN H 92 12.70 17.30 -4.81
CA GLN H 92 13.01 16.76 -6.12
C GLN H 92 13.08 15.25 -6.04
N THR H 93 13.93 14.78 -5.12
CA THR H 93 14.08 13.36 -4.91
C THR H 93 12.72 12.69 -4.71
N ALA H 94 11.85 13.33 -3.94
CA ALA H 94 10.52 12.79 -3.70
C ALA H 94 9.76 12.61 -4.98
N VAL H 95 9.85 13.64 -5.80
CA VAL H 95 9.11 13.60 -7.05
C VAL H 95 9.61 12.47 -7.92
N ARG H 96 10.91 12.21 -7.85
CA ARG H 96 11.47 11.16 -8.66
C ARG H 96 10.95 9.81 -8.19
N LEU H 97 10.72 9.69 -6.89
CA LEU H 97 10.22 8.48 -6.29
C LEU H 97 8.69 8.34 -6.43
N LEU H 98 7.97 9.45 -6.35
CA LEU H 98 6.52 9.40 -6.38
C LEU H 98 5.83 9.48 -7.71
N LEU H 99 6.50 10.05 -8.70
CA LEU H 99 5.85 10.18 -9.99
C LEU H 99 6.45 9.27 -11.02
N PRO H 100 5.58 8.70 -11.87
CA PRO H 100 5.82 7.78 -12.99
C PRO H 100 6.56 8.49 -14.11
N GLY H 101 7.53 7.80 -14.68
CA GLY H 101 8.32 8.31 -15.81
C GLY H 101 8.40 9.76 -16.31
N GLU H 102 7.66 10.04 -17.37
CA GLU H 102 7.70 11.39 -17.95
C GLU H 102 6.97 12.38 -17.09
N LEU H 103 6.01 11.89 -16.31
CA LEU H 103 5.27 12.75 -15.41
C LEU H 103 6.30 13.33 -14.43
N ALA H 104 7.28 12.52 -14.06
CA ALA H 104 8.31 12.94 -13.14
C ALA H 104 9.32 13.80 -13.86
N LYS H 105 9.60 13.41 -15.11
CA LYS H 105 10.55 14.12 -15.96
C LYS H 105 10.13 15.60 -16.00
N HIS H 106 8.91 15.83 -16.48
CA HIS H 106 8.37 17.18 -16.56
C HIS H 106 8.21 17.91 -15.23
N ALA H 107 7.66 17.25 -14.23
CA ALA H 107 7.52 17.87 -12.92
C ALA H 107 8.89 18.38 -12.45
N VAL H 108 9.93 17.59 -12.65
CA VAL H 108 11.28 18.01 -12.25
C VAL H 108 11.67 19.23 -13.07
N SER H 109 11.25 19.21 -14.32
CA SER H 109 11.55 20.29 -15.25
C SER H 109 10.94 21.56 -14.65
N GLU H 110 9.62 21.55 -14.52
CA GLU H 110 8.89 22.68 -13.95
C GLU H 110 9.47 23.12 -12.61
N GLY H 111 9.85 22.15 -11.81
CA GLY H 111 10.38 22.45 -10.51
C GLY H 111 11.60 23.33 -10.56
N THR H 112 12.67 22.83 -11.15
CA THR H 112 13.92 23.59 -11.22
C THR H 112 13.75 24.93 -11.92
N LYS H 113 12.94 24.94 -12.97
CA LYS H 113 12.68 26.14 -13.72
C LYS H 113 12.18 27.20 -12.77
N ALA H 114 11.05 26.89 -12.13
CA ALA H 114 10.41 27.81 -11.21
C ALA H 114 11.32 28.27 -10.08
N VAL H 115 12.21 27.40 -9.62
CA VAL H 115 13.07 27.76 -8.52
C VAL H 115 14.15 28.72 -8.94
N THR H 116 14.66 28.58 -10.16
CA THR H 116 15.71 29.49 -10.59
C THR H 116 15.12 30.84 -11.00
N LYS H 117 14.04 30.81 -11.78
CA LYS H 117 13.36 32.05 -12.17
C LYS H 117 13.03 32.86 -10.91
N TYR H 118 12.91 32.17 -9.79
CA TYR H 118 12.58 32.79 -8.53
C TYR H 118 13.84 33.29 -7.85
N THR H 119 14.88 32.46 -7.87
CA THR H 119 16.16 32.79 -7.23
C THR H 119 16.83 34.00 -7.87
N SER H 120 16.89 33.97 -9.20
CA SER H 120 17.48 35.06 -9.94
C SER H 120 16.47 36.18 -10.05
N ALA H 121 15.59 36.08 -11.03
CA ALA H 121 14.59 37.12 -11.23
C ALA H 121 14.08 37.68 -9.91
N LYS H 122 14.68 38.79 -9.49
CA LYS H 122 14.31 39.42 -8.24
C LYS H 122 14.49 38.42 -7.09
#